data_5LL5
#
_entry.id   5LL5
#
_cell.length_a   77.418
_cell.length_b   73.962
_cell.length_c   91.328
_cell.angle_alpha   90.000
_cell.angle_beta   108.960
_cell.angle_gamma   90.000
#
_symmetry.space_group_name_H-M   'P 1 21 1'
#
loop_
_entity.id
_entity.type
_entity.pdbx_description
1 polymer 'Carbonic anhydrase 12'
2 non-polymer 'ZINC ION'
3 non-polymer 4-[2-(benzimidazol-1-yl)ethanoyl]benzenesulfonamide
4 non-polymer 1,2-ETHANEDIOL
5 water water
#
_entity_poly.entity_id   1
_entity_poly.type   'polypeptide(L)'
_entity_poly.pdbx_seq_one_letter_code
;MSKWTYFGPDGENSWSKKYPSCGGLLQSPIDLHSDILQYDASLTPLEFQGYNLSANKQFLLTNNGHSVKLNLPSDMHIQG
LQSRYSATQLHLHWGNPNDPHGSEHTVSGQHFAAELHIVHYNSDLYPDASTASNKSEGLAVLAVLIEMGSFNPSYDKIFS
HLQHVKYKGQEAFVPGFNIEELLPERTAEYYRYRGSLTTPPCNPTVLWTVFRNPVQISQEQLLALETALYCTHMDDPSPR
EMINNFRQVQKFDERLVYTSFSQ
;
_entity_poly.pdbx_strand_id   A,B,C,D
#
# COMPACT_ATOMS: atom_id res chain seq x y z
N LYS A 3 12.83 29.90 -14.80
CA LYS A 3 12.28 28.65 -15.37
C LYS A 3 13.16 27.43 -14.98
N TRP A 4 12.62 26.24 -15.14
CA TRP A 4 13.28 25.07 -14.55
C TRP A 4 14.32 24.56 -15.49
N THR A 5 15.33 23.95 -14.93
CA THR A 5 16.44 23.32 -15.67
C THR A 5 16.92 22.01 -15.05
N TYR A 6 18.02 21.38 -15.52
CA TYR A 6 18.57 20.19 -14.91
C TYR A 6 19.90 20.46 -14.18
N PHE A 7 20.29 21.75 -14.10
N PHE A 7 20.03 21.70 -13.69
CA PHE A 7 21.61 22.15 -13.53
CA PHE A 7 21.26 22.07 -13.07
C PHE A 7 21.62 23.59 -12.98
C PHE A 7 21.09 23.33 -12.26
N GLY A 8 22.23 23.81 -11.79
CA GLY A 8 22.35 25.16 -11.11
C GLY A 8 21.13 25.26 -10.20
N PRO A 9 20.75 26.46 -9.87
CA PRO A 9 19.79 26.63 -8.79
C PRO A 9 18.38 26.37 -9.16
N ASP A 10 18.10 26.18 -10.46
CA ASP A 10 16.76 25.93 -10.86
C ASP A 10 16.53 24.44 -11.29
N GLY A 11 17.48 23.62 -10.81
CA GLY A 11 17.63 22.15 -11.11
C GLY A 11 16.60 21.38 -10.33
N GLU A 12 16.69 20.07 -10.52
CA GLU A 12 15.64 19.18 -10.06
C GLU A 12 15.26 19.23 -8.53
N ASN A 13 16.24 19.51 -7.68
CA ASN A 13 15.90 19.58 -6.26
C ASN A 13 15.07 20.78 -5.92
N SER A 14 15.10 21.79 -6.83
N SER A 14 14.87 21.71 -6.83
CA SER A 14 14.33 23.07 -6.71
CA SER A 14 14.08 22.90 -6.48
C SER A 14 13.00 23.06 -7.48
C SER A 14 12.82 22.96 -7.34
N TRP A 15 12.64 21.99 -8.23
CA TRP A 15 11.39 22.00 -8.98
C TRP A 15 10.16 22.07 -8.09
N SER A 16 10.18 21.52 -6.91
CA SER A 16 9.02 21.47 -6.05
C SER A 16 8.65 22.88 -5.51
N LYS A 17 9.54 23.84 -5.61
CA LYS A 17 9.11 25.24 -5.16
C LYS A 17 7.98 25.75 -6.05
N LYS A 18 8.11 25.67 -7.37
N LYS A 18 8.18 25.71 -7.39
CA LYS A 18 7.01 26.19 -8.20
CA LYS A 18 7.15 26.19 -8.31
C LYS A 18 5.99 25.08 -8.58
C LYS A 18 6.16 25.13 -8.81
N TYR A 19 6.49 23.84 -8.63
CA TYR A 19 5.69 22.71 -9.09
C TYR A 19 5.51 21.70 -7.98
N PRO A 20 4.54 21.86 -7.13
CA PRO A 20 4.52 21.16 -5.87
C PRO A 20 4.39 19.67 -6.10
N SER A 21 3.78 19.16 -7.19
CA SER A 21 3.71 17.73 -7.38
C SER A 21 5.13 17.10 -7.54
N CYS A 22 6.17 17.91 -7.87
CA CYS A 22 7.50 17.33 -7.93
C CYS A 22 8.02 16.86 -6.61
N GLY A 23 7.37 17.27 -5.53
CA GLY A 23 7.73 16.73 -4.17
C GLY A 23 6.67 15.91 -3.61
N GLY A 24 5.67 15.50 -4.38
CA GLY A 24 4.59 14.61 -3.96
C GLY A 24 4.78 13.15 -4.19
N LEU A 25 3.72 12.41 -4.24
CA LEU A 25 3.74 11.00 -4.36
C LEU A 25 3.90 10.58 -5.82
N LEU A 26 4.23 9.29 -5.93
CA LEU A 26 4.16 8.53 -7.20
C LEU A 26 5.21 9.09 -8.20
N GLN A 27 6.32 9.60 -7.77
CA GLN A 27 7.25 10.24 -8.73
C GLN A 27 8.12 9.20 -9.47
N SER A 28 8.34 9.56 -10.74
CA SER A 28 9.19 8.81 -11.64
C SER A 28 10.40 9.68 -12.04
N PRO A 29 11.47 9.11 -12.56
CA PRO A 29 11.65 7.70 -12.87
C PRO A 29 12.14 6.90 -11.65
N ILE A 30 12.30 5.58 -11.84
CA ILE A 30 12.65 4.68 -10.74
C ILE A 30 13.61 3.66 -11.30
N ASP A 31 14.29 2.99 -10.36
CA ASP A 31 15.12 1.88 -10.69
C ASP A 31 14.28 0.63 -10.74
N LEU A 32 14.37 -0.09 -11.85
CA LEU A 32 13.66 -1.34 -12.05
C LEU A 32 14.58 -2.50 -11.67
N HIS A 33 14.34 -3.11 -10.53
CA HIS A 33 15.26 -4.16 -10.07
C HIS A 33 14.46 -5.29 -9.55
N SER A 34 15.10 -6.47 -9.47
CA SER A 34 14.33 -7.71 -9.43
C SER A 34 13.48 -7.89 -8.18
N ASP A 35 13.90 -7.28 -7.06
CA ASP A 35 13.22 -7.35 -5.74
C ASP A 35 11.79 -6.89 -5.83
N ILE A 36 11.55 -5.95 -6.75
CA ILE A 36 10.27 -5.22 -6.79
C ILE A 36 9.49 -5.55 -8.03
N LEU A 37 9.96 -6.50 -8.79
CA LEU A 37 9.24 -6.89 -10.05
C LEU A 37 8.27 -8.00 -9.68
N GLN A 38 7.11 -7.99 -10.30
CA GLN A 38 6.18 -9.10 -10.14
C GLN A 38 5.46 -9.39 -11.44
N TYR A 39 5.48 -10.65 -11.91
CA TYR A 39 4.85 -11.02 -13.09
C TYR A 39 3.33 -10.82 -12.92
N ASP A 40 2.70 -10.26 -13.92
CA ASP A 40 1.29 -10.10 -13.95
C ASP A 40 0.81 -10.58 -15.33
N ALA A 41 0.16 -11.76 -15.37
CA ALA A 41 -0.44 -12.27 -16.66
C ALA A 41 -1.56 -11.40 -17.25
N SER A 42 -2.05 -10.41 -16.52
CA SER A 42 -3.00 -9.41 -17.10
C SER A 42 -2.37 -8.51 -18.15
N LEU A 43 -1.05 -8.53 -18.19
CA LEU A 43 -0.31 -7.57 -19.00
C LEU A 43 -0.11 -8.06 -20.42
N THR A 44 -1.14 -7.94 -21.24
CA THR A 44 -1.10 -8.42 -22.60
C THR A 44 -0.45 -7.41 -23.57
N PRO A 45 -0.15 -7.79 -24.82
CA PRO A 45 0.51 -6.85 -25.74
C PRO A 45 -0.31 -5.68 -26.07
N LEU A 46 0.32 -4.54 -26.11
CA LEU A 46 -0.31 -3.30 -26.66
C LEU A 46 -0.24 -3.39 -28.21
N GLU A 47 -1.17 -2.67 -28.83
CA GLU A 47 -1.22 -2.55 -30.25
C GLU A 47 -1.05 -1.10 -30.58
N PHE A 48 -0.21 -0.82 -31.55
CA PHE A 48 0.18 0.50 -31.90
C PHE A 48 -0.50 0.86 -33.21
N GLN A 49 -1.47 1.76 -33.12
CA GLN A 49 -2.44 2.02 -34.24
C GLN A 49 -2.24 3.40 -34.73
N GLY A 50 -2.22 3.60 -36.07
CA GLY A 50 -1.93 4.88 -36.52
C GLY A 50 -0.48 5.41 -36.38
N TYR A 51 0.45 4.47 -36.10
CA TYR A 51 1.86 4.82 -35.94
C TYR A 51 2.58 4.98 -37.27
N ASN A 52 2.01 4.40 -38.34
CA ASN A 52 2.64 4.54 -39.68
C ASN A 52 2.26 5.88 -40.29
N LEU A 53 2.94 6.95 -39.94
CA LEU A 53 2.53 8.29 -40.26
C LEU A 53 2.65 8.51 -41.75
N SER A 54 1.58 9.08 -42.30
CA SER A 54 1.60 9.45 -43.75
C SER A 54 2.95 10.11 -44.15
N ALA A 55 3.70 9.52 -45.07
CA ALA A 55 4.86 10.27 -45.57
C ALA A 55 4.45 11.50 -46.41
N ASN A 56 3.14 11.70 -46.60
CA ASN A 56 2.65 12.96 -47.24
C ASN A 56 2.20 14.01 -46.23
N LYS A 57 2.39 13.71 -44.93
CA LYS A 57 2.12 14.71 -43.87
C LYS A 57 3.48 15.12 -43.26
N GLN A 58 3.53 16.33 -42.71
CA GLN A 58 4.70 16.73 -41.89
C GLN A 58 4.38 16.99 -40.49
N PHE A 59 5.39 16.64 -39.63
CA PHE A 59 5.24 16.74 -38.18
C PHE A 59 6.30 17.67 -37.62
N LEU A 60 5.89 18.54 -36.74
CA LEU A 60 6.70 19.62 -36.24
C LEU A 60 7.71 19.10 -35.18
N LEU A 61 8.99 19.27 -35.44
CA LEU A 61 10.05 19.05 -34.44
C LEU A 61 10.37 20.37 -33.80
N THR A 62 10.43 20.45 -32.47
N THR A 62 10.50 20.39 -32.48
CA THR A 62 10.78 21.68 -31.76
CA THR A 62 10.93 21.56 -31.83
C THR A 62 11.88 21.43 -30.73
C THR A 62 12.02 21.34 -30.79
N ASN A 63 12.77 22.39 -30.53
CA ASN A 63 13.59 22.44 -29.28
C ASN A 63 12.87 23.38 -28.33
N ASN A 64 12.43 22.81 -27.19
CA ASN A 64 11.67 23.59 -26.22
C ASN A 64 12.51 24.04 -25.03
N GLY A 65 13.82 23.95 -25.17
CA GLY A 65 14.72 24.35 -24.14
C GLY A 65 14.97 23.24 -23.11
N HIS A 66 14.23 22.13 -23.15
CA HIS A 66 14.45 21.01 -22.25
C HIS A 66 14.72 19.68 -22.92
N SER A 67 14.22 19.48 -24.14
CA SER A 67 14.44 18.28 -24.96
C SER A 67 14.16 18.66 -26.40
N VAL A 68 14.27 17.67 -27.24
CA VAL A 68 13.76 17.82 -28.62
C VAL A 68 12.49 16.99 -28.70
N LYS A 69 11.45 17.65 -29.22
CA LYS A 69 10.13 17.00 -29.27
C LYS A 69 9.54 16.98 -30.67
N LEU A 70 8.98 15.85 -31.03
CA LEU A 70 8.21 15.73 -32.31
C LEU A 70 6.77 15.69 -31.96
N ASN A 71 5.94 16.58 -32.60
CA ASN A 71 4.50 16.52 -32.40
C ASN A 71 3.91 15.40 -33.22
N LEU A 72 2.93 14.71 -32.58
CA LEU A 72 2.34 13.51 -33.17
C LEU A 72 0.85 13.80 -33.36
N PRO A 73 0.18 13.08 -34.30
CA PRO A 73 -1.28 13.35 -34.51
C PRO A 73 -2.18 12.53 -33.58
N SER A 74 -3.34 13.09 -33.24
CA SER A 74 -4.20 12.34 -32.34
C SER A 74 -4.88 11.14 -33.02
N ASP A 75 -4.74 10.89 -34.33
CA ASP A 75 -5.21 9.55 -34.77
C ASP A 75 -4.23 8.43 -34.45
N MET A 76 -3.03 8.77 -33.93
CA MET A 76 -2.13 7.72 -33.50
C MET A 76 -2.45 7.36 -32.06
N HIS A 77 -2.63 6.12 -31.78
CA HIS A 77 -3.00 5.68 -30.39
C HIS A 77 -2.58 4.30 -30.04
N ILE A 78 -2.58 4.07 -28.73
CA ILE A 78 -2.41 2.73 -28.16
C ILE A 78 -3.74 2.06 -27.99
N GLN A 79 -3.83 0.79 -28.44
CA GLN A 79 -4.94 -0.04 -28.15
C GLN A 79 -4.51 -1.13 -27.17
N GLY A 80 -5.34 -1.51 -26.24
CA GLY A 80 -5.01 -2.56 -25.28
C GLY A 80 -5.13 -2.16 -23.84
N LEU A 81 -5.18 -0.88 -23.59
CA LEU A 81 -5.46 -0.38 -22.23
C LEU A 81 -6.99 -0.19 -22.10
N GLN A 82 -7.47 0.13 -20.93
CA GLN A 82 -8.94 0.16 -20.78
C GLN A 82 -9.60 1.33 -21.58
N SER A 83 -8.92 2.45 -21.67
CA SER A 83 -9.37 3.52 -22.53
C SER A 83 -8.36 3.61 -23.66
N ARG A 84 -8.73 4.35 -24.74
CA ARG A 84 -7.82 4.60 -25.81
C ARG A 84 -6.94 5.78 -25.35
N TYR A 85 -5.58 5.61 -25.55
CA TYR A 85 -4.71 6.76 -25.30
C TYR A 85 -4.11 7.23 -26.61
N SER A 86 -4.29 8.47 -26.92
CA SER A 86 -3.89 9.06 -28.23
C SER A 86 -2.58 9.77 -28.05
N ALA A 87 -1.72 9.67 -29.10
CA ALA A 87 -0.40 10.30 -29.01
C ALA A 87 -0.46 11.82 -29.03
N THR A 88 0.47 12.47 -28.34
CA THR A 88 0.68 13.91 -28.46
C THR A 88 2.06 14.30 -28.93
N GLN A 89 3.14 13.65 -28.48
CA GLN A 89 4.49 14.06 -28.80
C GLN A 89 5.42 12.96 -28.34
N LEU A 90 6.59 12.89 -28.99
CA LEU A 90 7.72 12.11 -28.48
C LEU A 90 8.88 12.98 -28.26
N HIS A 91 9.79 12.52 -27.34
CA HIS A 91 11.01 13.30 -27.03
C HIS A 91 12.03 12.34 -26.38
N LEU A 92 13.24 12.88 -26.15
CA LEU A 92 14.28 12.07 -25.62
C LEU A 92 14.99 12.69 -24.42
N HIS A 93 15.74 11.81 -23.71
CA HIS A 93 16.58 12.25 -22.54
C HIS A 93 17.91 11.57 -22.72
N TRP A 94 19.00 12.28 -22.40
CA TRP A 94 20.35 11.75 -22.60
C TRP A 94 21.33 12.40 -21.61
N GLY A 95 22.57 11.87 -21.71
CA GLY A 95 23.69 12.31 -20.79
C GLY A 95 24.58 13.37 -21.46
N ASN A 96 25.85 12.97 -21.51
CA ASN A 96 26.85 13.88 -22.19
C ASN A 96 28.03 13.00 -22.59
N PRO A 97 28.91 13.55 -23.50
CA PRO A 97 29.95 12.66 -24.03
C PRO A 97 30.96 12.15 -22.99
N ASN A 98 31.14 12.88 -21.89
CA ASN A 98 32.03 12.34 -20.83
C ASN A 98 31.40 11.29 -19.94
N ASP A 99 30.07 11.19 -19.98
CA ASP A 99 29.32 10.26 -19.13
C ASP A 99 28.02 9.88 -19.86
N PRO A 100 28.14 9.06 -20.89
CA PRO A 100 27.06 8.89 -21.88
C PRO A 100 26.06 7.89 -21.42
N HIS A 101 25.47 8.21 -20.26
CA HIS A 101 24.50 7.25 -19.59
C HIS A 101 23.38 8.02 -19.00
N GLY A 102 22.48 8.50 -19.84
CA GLY A 102 21.47 9.45 -19.45
C GLY A 102 20.02 8.98 -19.65
N SER A 103 19.77 7.67 -19.62
CA SER A 103 18.36 7.27 -19.44
C SER A 103 17.80 7.81 -18.16
N GLU A 104 16.48 7.80 -18.09
CA GLU A 104 15.81 8.18 -16.85
C GLU A 104 15.55 6.97 -15.97
N HIS A 105 14.82 5.99 -16.48
CA HIS A 105 14.74 4.71 -15.76
C HIS A 105 16.11 4.01 -15.79
N THR A 106 16.34 3.26 -14.72
CA THR A 106 17.52 2.39 -14.66
C THR A 106 17.07 0.97 -14.47
N VAL A 107 17.96 0.03 -14.80
CA VAL A 107 17.66 -1.42 -14.64
C VAL A 107 18.76 -2.06 -13.79
N SER A 108 18.36 -2.55 -12.61
CA SER A 108 19.35 -3.13 -11.63
C SER A 108 20.44 -2.10 -11.40
N GLY A 109 20.08 -0.81 -11.29
CA GLY A 109 20.92 0.29 -10.92
C GLY A 109 21.64 0.92 -12.10
N GLN A 110 21.58 0.34 -13.29
CA GLN A 110 22.27 0.84 -14.45
C GLN A 110 21.50 1.73 -15.41
N HIS A 111 22.12 2.85 -15.75
CA HIS A 111 21.59 3.68 -16.76
C HIS A 111 21.86 3.17 -18.11
N PHE A 112 20.93 3.26 -19.01
CA PHE A 112 21.21 3.16 -20.46
C PHE A 112 21.71 4.46 -21.02
N ALA A 113 22.09 4.49 -22.29
CA ALA A 113 22.68 5.68 -22.85
C ALA A 113 21.67 6.83 -22.92
N ALA A 114 20.44 6.47 -23.32
CA ALA A 114 19.42 7.54 -23.50
C ALA A 114 18.08 6.84 -23.38
N GLU A 115 17.01 7.65 -23.47
CA GLU A 115 15.68 7.08 -23.36
C GLU A 115 14.71 7.90 -24.22
N LEU A 116 13.84 7.22 -24.96
CA LEU A 116 12.78 7.86 -25.79
C LEU A 116 11.44 7.68 -25.04
N HIS A 117 10.66 8.76 -25.00
CA HIS A 117 9.29 8.75 -24.46
C HIS A 117 8.30 9.10 -25.51
N ILE A 118 7.29 8.25 -25.65
CA ILE A 118 6.16 8.55 -26.59
C ILE A 118 4.96 8.82 -25.68
N VAL A 119 4.57 10.08 -25.63
CA VAL A 119 3.55 10.59 -24.68
C VAL A 119 2.16 10.40 -25.28
N HIS A 120 1.24 9.86 -24.49
CA HIS A 120 -0.22 9.72 -24.96
C HIS A 120 -1.13 10.21 -23.83
N TYR A 121 -2.33 10.62 -24.20
CA TYR A 121 -3.32 10.97 -23.20
C TYR A 121 -4.66 10.24 -23.37
N ASN A 122 -5.48 10.21 -22.31
CA ASN A 122 -6.75 9.44 -22.38
C ASN A 122 -7.76 10.31 -23.14
N SER A 123 -7.93 9.97 -24.44
CA SER A 123 -8.81 10.80 -25.27
C SER A 123 -10.25 10.28 -25.14
N ASP A 124 -10.48 9.11 -24.57
CA ASP A 124 -11.90 8.71 -24.29
C ASP A 124 -12.46 9.62 -23.22
N LEU A 125 -11.64 10.09 -22.27
CA LEU A 125 -12.16 10.86 -21.08
C LEU A 125 -11.93 12.36 -21.23
N TYR A 126 -10.89 12.78 -21.96
CA TYR A 126 -10.42 14.17 -21.98
C TYR A 126 -10.16 14.68 -23.42
N PRO A 127 -10.30 16.01 -23.66
CA PRO A 127 -10.24 16.52 -25.02
C PRO A 127 -8.87 16.76 -25.58
N ASP A 128 -7.87 16.93 -24.69
CA ASP A 128 -6.48 17.12 -25.13
C ASP A 128 -5.54 16.75 -23.99
N ALA A 129 -4.25 16.63 -24.30
CA ALA A 129 -3.27 16.23 -23.32
C ALA A 129 -3.13 17.21 -22.12
N SER A 130 -3.20 18.50 -22.43
N SER A 130 -3.17 18.52 -22.36
CA SER A 130 -3.16 19.52 -21.39
CA SER A 130 -3.07 19.43 -21.21
C SER A 130 -4.20 19.28 -20.29
C SER A 130 -4.24 19.26 -20.20
N THR A 131 -5.46 19.12 -20.69
CA THR A 131 -6.54 18.86 -19.79
C THR A 131 -6.34 17.51 -19.06
N ALA A 132 -5.93 16.42 -19.78
CA ALA A 132 -5.75 15.13 -19.16
C ALA A 132 -4.60 15.08 -18.11
N SER A 133 -3.65 15.97 -18.27
CA SER A 133 -2.37 15.85 -17.59
C SER A 133 -2.47 15.85 -16.12
N ASN A 134 -3.43 16.56 -15.52
CA ASN A 134 -3.62 16.59 -14.09
C ASN A 134 -4.81 15.81 -13.61
N LYS A 135 -5.25 14.87 -14.44
CA LYS A 135 -6.41 14.13 -14.16
C LYS A 135 -6.20 12.70 -14.01
N SER A 136 -7.11 12.08 -13.29
CA SER A 136 -7.10 10.63 -13.05
C SER A 136 -7.06 9.88 -14.38
N GLU A 137 -6.18 8.89 -14.42
CA GLU A 137 -6.01 8.08 -15.66
C GLU A 137 -5.62 8.94 -16.89
N GLY A 138 -4.89 10.04 -16.66
CA GLY A 138 -4.85 10.97 -17.70
C GLY A 138 -3.85 10.59 -18.78
N LEU A 139 -2.61 10.11 -18.42
CA LEU A 139 -1.55 10.02 -19.38
C LEU A 139 -1.01 8.58 -19.43
N ALA A 140 -0.44 8.22 -20.57
CA ALA A 140 0.30 6.97 -20.73
C ALA A 140 1.53 7.28 -21.52
N VAL A 141 2.67 6.87 -21.02
CA VAL A 141 3.98 7.10 -21.71
C VAL A 141 4.59 5.76 -22.01
N LEU A 142 5.07 5.62 -23.26
CA LEU A 142 5.90 4.47 -23.64
C LEU A 142 7.35 4.90 -23.53
N ALA A 143 8.15 4.03 -22.89
CA ALA A 143 9.61 4.35 -22.77
C ALA A 143 10.44 3.24 -23.41
N VAL A 144 11.37 3.75 -24.28
CA VAL A 144 12.32 2.82 -24.92
C VAL A 144 13.73 3.17 -24.42
N LEU A 145 14.37 2.17 -23.89
CA LEU A 145 15.78 2.33 -23.45
C LEU A 145 16.68 2.26 -24.66
N ILE A 146 17.70 3.13 -24.69
CA ILE A 146 18.62 3.17 -25.86
C ILE A 146 20.03 2.87 -25.47
N GLU A 147 20.71 1.96 -26.18
CA GLU A 147 22.15 1.72 -25.89
C GLU A 147 22.91 1.88 -27.18
N MET A 148 24.23 1.92 -27.06
CA MET A 148 25.08 2.10 -28.24
C MET A 148 25.28 0.75 -28.92
N GLY A 149 25.24 0.76 -30.25
CA GLY A 149 25.51 -0.47 -31.01
C GLY A 149 25.49 -0.10 -32.48
N SER A 150 24.67 -0.83 -33.24
N SER A 150 24.82 -0.89 -33.32
CA SER A 150 24.43 -0.49 -34.62
CA SER A 150 24.83 -0.56 -34.74
C SER A 150 23.83 0.85 -35.01
C SER A 150 23.93 0.63 -35.05
N PHE A 151 24.26 1.38 -36.13
CA PHE A 151 23.52 2.48 -36.75
C PHE A 151 22.05 2.12 -36.90
N ASN A 152 21.16 3.05 -36.52
CA ASN A 152 19.73 2.87 -36.62
C ASN A 152 19.13 3.83 -37.59
N PRO A 153 18.78 3.31 -38.81
CA PRO A 153 18.21 4.22 -39.77
C PRO A 153 16.92 4.94 -39.31
N SER A 154 16.13 4.22 -38.48
CA SER A 154 14.85 4.81 -38.12
C SER A 154 15.03 5.98 -37.18
N TYR A 155 15.97 5.80 -36.20
CA TYR A 155 16.20 6.95 -35.29
C TYR A 155 16.79 8.12 -36.09
N ASP A 156 17.51 7.77 -37.18
CA ASP A 156 18.04 8.86 -37.97
C ASP A 156 17.01 9.66 -38.73
N LYS A 157 15.78 9.15 -38.87
CA LYS A 157 14.68 9.95 -39.45
C LYS A 157 14.35 11.14 -38.55
N ILE A 158 14.70 11.05 -37.25
CA ILE A 158 14.60 12.23 -36.38
C ILE A 158 15.95 12.91 -36.30
N PHE A 159 17.03 12.14 -36.05
CA PHE A 159 18.32 12.79 -35.74
C PHE A 159 18.89 13.64 -36.90
N SER A 160 18.52 13.28 -38.12
CA SER A 160 19.04 14.10 -39.29
C SER A 160 18.50 15.51 -39.30
N HIS A 161 17.48 15.80 -38.52
CA HIS A 161 16.95 17.15 -38.46
C HIS A 161 17.46 17.97 -37.26
N LEU A 162 18.31 17.34 -36.39
CA LEU A 162 18.73 18.03 -35.14
C LEU A 162 19.41 19.37 -35.42
N GLN A 163 20.20 19.46 -36.48
CA GLN A 163 20.94 20.71 -36.60
C GLN A 163 19.99 21.86 -36.90
N HIS A 164 18.79 21.59 -37.42
CA HIS A 164 17.80 22.66 -37.65
C HIS A 164 17.08 23.12 -36.44
N VAL A 165 17.21 22.38 -35.31
CA VAL A 165 16.57 22.82 -34.07
C VAL A 165 17.59 22.97 -32.97
N LYS A 166 18.78 23.46 -33.31
CA LYS A 166 19.88 23.65 -32.35
C LYS A 166 19.51 24.52 -31.14
N TYR A 167 18.74 25.62 -31.35
CA TYR A 167 18.48 26.51 -30.22
C TYR A 167 17.01 26.52 -29.76
N LYS A 168 16.78 26.94 -28.53
CA LYS A 168 15.46 26.99 -28.03
C LYS A 168 14.51 27.80 -28.93
N GLY A 169 13.29 27.32 -29.18
CA GLY A 169 12.31 28.02 -29.97
C GLY A 169 12.44 27.64 -31.43
N GLN A 170 13.56 27.07 -31.83
CA GLN A 170 13.62 26.64 -33.27
C GLN A 170 12.80 25.41 -33.63
N GLU A 171 12.41 25.28 -34.90
N GLU A 171 12.40 25.25 -34.90
CA GLU A 171 11.53 24.25 -35.34
CA GLU A 171 11.49 24.23 -35.34
C GLU A 171 11.96 23.65 -36.70
C GLU A 171 11.76 23.75 -36.76
N ALA A 172 11.38 22.53 -37.03
CA ALA A 172 11.69 21.81 -38.26
C ALA A 172 10.52 20.90 -38.58
N PHE A 173 10.33 20.59 -39.86
CA PHE A 173 9.32 19.68 -40.27
C PHE A 173 9.92 18.36 -40.60
N VAL A 174 9.30 17.30 -40.07
CA VAL A 174 9.72 15.97 -40.33
C VAL A 174 8.62 15.25 -41.08
N PRO A 175 8.96 14.62 -42.24
CA PRO A 175 8.00 13.85 -43.00
C PRO A 175 7.59 12.58 -42.27
N GLY A 176 6.32 12.28 -42.36
CA GLY A 176 5.86 11.14 -41.65
C GLY A 176 6.63 9.86 -41.95
N PHE A 177 6.89 9.07 -40.89
CA PHE A 177 7.43 7.74 -41.01
C PHE A 177 6.82 6.80 -39.95
N ASN A 178 7.09 5.51 -40.02
CA ASN A 178 6.50 4.54 -39.13
C ASN A 178 7.20 4.62 -37.72
N ILE A 179 6.49 5.30 -36.79
CA ILE A 179 7.01 5.48 -35.43
C ILE A 179 7.23 4.09 -34.80
N GLU A 180 6.58 3.01 -35.20
CA GLU A 180 6.79 1.75 -34.56
C GLU A 180 8.26 1.25 -34.81
N GLU A 181 8.89 1.83 -35.84
CA GLU A 181 10.27 1.43 -36.09
C GLU A 181 11.23 1.88 -34.93
N LEU A 182 10.76 2.82 -34.08
CA LEU A 182 11.55 3.24 -32.94
C LEU A 182 11.43 2.34 -31.76
N LEU A 183 10.50 1.40 -31.77
CA LEU A 183 10.29 0.46 -30.71
C LEU A 183 11.24 -0.71 -30.80
N PRO A 184 11.55 -1.34 -29.70
CA PRO A 184 12.48 -2.43 -29.68
C PRO A 184 11.79 -3.74 -30.08
N GLU A 185 12.66 -4.77 -30.07
CA GLU A 185 12.22 -6.16 -30.23
C GLU A 185 11.32 -6.60 -29.13
N ARG A 186 10.33 -7.45 -29.47
CA ARG A 186 9.51 -8.11 -28.45
C ARG A 186 8.91 -7.04 -27.48
N THR A 187 8.11 -6.23 -28.12
CA THR A 187 7.33 -5.21 -27.35
C THR A 187 6.31 -5.82 -26.44
N ALA A 188 5.92 -7.10 -26.62
CA ALA A 188 5.16 -7.82 -25.57
C ALA A 188 5.82 -7.85 -24.17
N GLU A 189 7.15 -7.65 -24.08
CA GLU A 189 7.89 -7.78 -22.83
C GLU A 189 8.11 -6.32 -22.33
N TYR A 190 7.44 -6.01 -21.21
CA TYR A 190 7.55 -4.65 -20.61
C TYR A 190 7.36 -4.66 -19.12
N TYR A 191 7.83 -3.55 -18.53
CA TYR A 191 7.49 -3.16 -17.18
C TYR A 191 6.38 -2.18 -17.10
N ARG A 192 5.54 -2.27 -16.09
CA ARG A 192 4.35 -1.38 -16.01
C ARG A 192 4.19 -0.94 -14.57
N TYR A 193 4.03 0.37 -14.38
CA TYR A 193 3.78 0.89 -13.03
C TYR A 193 3.04 2.25 -13.17
N ARG A 194 2.34 2.69 -12.16
N ARG A 194 2.55 2.72 -12.04
CA ARG A 194 1.74 4.06 -12.20
CA ARG A 194 1.90 4.05 -11.89
C ARG A 194 2.74 4.96 -11.53
C ARG A 194 2.88 5.06 -11.43
N GLY A 195 3.07 6.09 -12.22
CA GLY A 195 4.02 7.08 -11.77
C GLY A 195 3.65 8.48 -12.23
N SER A 196 4.66 9.23 -12.60
CA SER A 196 4.44 10.66 -12.80
C SER A 196 5.15 11.10 -14.10
N LEU A 197 4.86 12.34 -14.53
CA LEU A 197 5.73 13.00 -15.45
C LEU A 197 7.11 13.12 -14.80
N THR A 198 8.18 13.04 -15.56
CA THR A 198 9.54 13.15 -15.03
C THR A 198 10.08 14.56 -15.11
N THR A 199 9.25 15.50 -15.64
CA THR A 199 9.60 16.90 -15.70
C THR A 199 8.43 17.67 -15.07
N PRO A 200 8.73 18.91 -14.63
CA PRO A 200 7.62 19.78 -14.14
C PRO A 200 6.44 19.81 -15.17
N PRO A 201 5.22 19.68 -14.69
CA PRO A 201 4.79 19.84 -13.31
C PRO A 201 4.80 18.55 -12.50
N CYS A 202 5.32 17.43 -13.04
CA CYS A 202 5.49 16.12 -12.29
C CYS A 202 4.20 15.50 -11.85
N ASN A 203 3.13 15.75 -12.64
CA ASN A 203 1.84 15.25 -12.19
C ASN A 203 1.89 13.74 -12.08
N PRO A 204 1.30 13.17 -11.01
CA PRO A 204 1.32 11.74 -10.76
C PRO A 204 0.22 11.03 -11.50
N THR A 205 0.18 11.21 -12.79
CA THR A 205 -0.99 10.75 -13.57
C THR A 205 -0.58 9.90 -14.74
N VAL A 206 0.66 9.32 -14.73
CA VAL A 206 1.15 8.54 -15.86
C VAL A 206 1.13 7.09 -15.61
N LEU A 207 0.55 6.32 -16.51
CA LEU A 207 0.69 4.88 -16.57
C LEU A 207 1.92 4.62 -17.48
N TRP A 208 2.99 4.15 -16.83
CA TRP A 208 4.31 3.90 -17.52
C TRP A 208 4.34 2.52 -18.11
N THR A 209 4.85 2.43 -19.34
CA THR A 209 5.18 1.19 -19.97
C THR A 209 6.64 1.32 -20.39
N VAL A 210 7.55 0.53 -19.76
CA VAL A 210 8.97 0.63 -20.16
C VAL A 210 9.27 -0.71 -20.82
N PHE A 211 9.60 -0.69 -22.10
CA PHE A 211 9.89 -1.98 -22.76
C PHE A 211 11.12 -2.61 -22.16
N ARG A 212 11.06 -3.94 -22.07
N ARG A 212 11.09 -3.94 -22.02
CA ARG A 212 12.14 -4.78 -21.53
CA ARG A 212 12.22 -4.67 -21.46
C ARG A 212 13.44 -4.66 -22.29
C ARG A 212 13.49 -4.52 -22.33
N ASN A 213 13.34 -4.63 -23.63
CA ASN A 213 14.56 -4.69 -24.48
C ASN A 213 14.93 -3.29 -24.98
N PRO A 214 16.24 -2.94 -25.02
CA PRO A 214 16.65 -1.68 -25.53
C PRO A 214 16.71 -1.70 -27.09
N VAL A 215 16.80 -0.56 -27.67
CA VAL A 215 17.23 -0.40 -29.07
C VAL A 215 18.68 0.01 -29.10
N GLN A 216 19.28 -0.08 -30.27
CA GLN A 216 20.67 0.43 -30.50
C GLN A 216 20.74 1.50 -31.44
N ILE A 217 21.59 2.52 -31.16
CA ILE A 217 21.99 3.59 -32.08
C ILE A 217 23.52 3.60 -32.11
N SER A 218 24.06 4.18 -33.21
CA SER A 218 25.55 4.08 -33.23
C SER A 218 26.17 5.14 -32.34
N GLN A 219 27.49 4.96 -32.14
CA GLN A 219 28.17 5.99 -31.37
C GLN A 219 28.09 7.35 -31.97
N GLU A 220 28.10 7.47 -33.28
CA GLU A 220 28.05 8.70 -33.86
C GLU A 220 26.62 9.33 -33.71
N GLN A 221 25.58 8.48 -33.76
CA GLN A 221 24.22 8.99 -33.53
C GLN A 221 24.04 9.50 -32.06
N LEU A 222 24.57 8.75 -31.14
CA LEU A 222 24.48 9.12 -29.70
C LEU A 222 25.26 10.41 -29.48
N LEU A 223 26.48 10.52 -30.07
CA LEU A 223 27.23 11.81 -30.01
C LEU A 223 26.48 12.97 -30.61
N ALA A 224 25.80 12.77 -31.76
CA ALA A 224 25.05 13.88 -32.29
C ALA A 224 23.93 14.36 -31.41
N LEU A 225 23.19 13.39 -30.86
CA LEU A 225 22.14 13.80 -29.92
C LEU A 225 22.70 14.59 -28.73
N GLU A 226 23.85 14.13 -28.22
CA GLU A 226 24.42 14.82 -27.06
C GLU A 226 24.97 16.18 -27.28
N THR A 227 25.32 16.47 -28.54
CA THR A 227 26.15 17.66 -28.86
C THR A 227 25.38 18.63 -29.81
N ALA A 228 24.21 18.27 -30.33
CA ALA A 228 23.59 19.10 -31.39
C ALA A 228 22.85 20.27 -30.81
N LEU A 229 22.38 20.17 -29.53
CA LEU A 229 21.40 21.14 -29.03
C LEU A 229 21.81 21.95 -27.87
N TYR A 230 21.27 23.15 -27.82
CA TYR A 230 21.35 24.03 -26.69
C TYR A 230 20.00 24.29 -26.03
N CYS A 231 20.02 24.68 -24.75
N CYS A 231 20.04 24.65 -24.75
CA CYS A 231 18.81 24.94 -23.96
CA CYS A 231 18.82 24.89 -23.98
C CYS A 231 18.30 26.34 -24.23
C CYS A 231 18.47 26.37 -23.97
N THR A 232 19.28 27.13 -24.70
CA THR A 232 19.21 28.57 -24.74
C THR A 232 18.82 29.06 -26.14
N HIS A 233 18.22 30.28 -26.17
CA HIS A 233 17.88 30.94 -27.45
C HIS A 233 19.16 31.31 -28.19
N MET A 234 19.04 31.39 -29.52
CA MET A 234 20.21 31.68 -30.33
C MET A 234 20.99 32.90 -29.91
N ASP A 235 20.31 33.96 -29.49
CA ASP A 235 21.03 35.16 -29.15
C ASP A 235 21.42 35.29 -27.67
N ASP A 236 21.33 34.22 -26.88
CA ASP A 236 21.70 34.26 -25.51
C ASP A 236 23.21 34.40 -25.45
N PRO A 237 23.71 35.49 -24.83
CA PRO A 237 25.18 35.66 -24.67
C PRO A 237 25.85 34.59 -23.76
N SER A 238 25.05 33.78 -23.08
CA SER A 238 25.59 32.74 -22.17
C SER A 238 24.92 31.39 -22.54
N PRO A 239 25.43 30.75 -23.61
CA PRO A 239 24.68 29.60 -24.08
C PRO A 239 24.92 28.39 -23.16
N ARG A 240 23.92 27.49 -23.11
CA ARG A 240 24.01 26.29 -22.26
C ARG A 240 23.71 25.11 -23.18
N GLU A 241 24.61 24.20 -23.26
CA GLU A 241 24.39 22.94 -23.96
C GLU A 241 23.24 22.17 -23.33
N MET A 242 22.45 21.54 -24.19
CA MET A 242 21.38 20.62 -23.76
C MET A 242 21.99 19.23 -23.57
N ILE A 243 22.39 18.96 -22.31
CA ILE A 243 23.01 17.67 -21.92
C ILE A 243 22.43 17.30 -20.53
N ASN A 244 22.51 16.03 -20.17
CA ASN A 244 22.17 15.58 -18.81
C ASN A 244 20.72 15.94 -18.50
N ASN A 245 19.83 15.85 -19.53
CA ASN A 245 18.41 16.28 -19.39
C ASN A 245 17.60 15.10 -18.92
N PHE A 246 17.97 14.44 -17.83
CA PHE A 246 17.21 13.33 -17.24
C PHE A 246 17.11 13.60 -15.75
N ARG A 247 16.05 13.07 -15.17
CA ARG A 247 15.84 13.24 -13.69
C ARG A 247 16.52 12.08 -12.98
N GLN A 248 17.12 12.36 -11.81
CA GLN A 248 17.53 11.23 -10.95
C GLN A 248 16.40 10.33 -10.53
N VAL A 249 16.70 9.04 -10.34
CA VAL A 249 15.73 8.08 -9.87
C VAL A 249 15.14 8.50 -8.51
N GLN A 250 13.88 8.18 -8.31
CA GLN A 250 13.17 8.53 -7.11
C GLN A 250 13.07 7.33 -6.20
N LYS A 251 12.86 7.58 -4.87
CA LYS A 251 12.53 6.43 -3.99
C LYS A 251 11.24 5.77 -4.43
N PHE A 252 11.19 4.45 -4.28
N PHE A 252 11.09 4.45 -4.23
CA PHE A 252 10.01 3.72 -4.66
CA PHE A 252 9.86 3.78 -4.72
C PHE A 252 9.95 2.57 -3.66
C PHE A 252 8.98 2.88 -3.79
N ASP A 253 9.34 2.89 -2.54
CA ASP A 253 9.09 1.94 -1.42
C ASP A 253 7.68 1.38 -1.24
N GLU A 254 7.67 0.07 -0.89
CA GLU A 254 6.44 -0.68 -0.63
C GLU A 254 5.55 -0.71 -1.87
N ARG A 255 6.23 -0.74 -3.00
CA ARG A 255 5.53 -0.85 -4.31
C ARG A 255 6.17 -1.88 -5.25
N LEU A 256 5.30 -2.37 -6.14
CA LEU A 256 5.70 -3.23 -7.17
C LEU A 256 5.65 -2.50 -8.57
N VAL A 257 6.61 -2.96 -9.34
CA VAL A 257 6.54 -2.89 -10.79
C VAL A 257 6.09 -4.19 -11.39
N TYR A 258 5.07 -4.15 -12.19
CA TYR A 258 4.52 -5.39 -12.76
C TYR A 258 5.23 -5.63 -14.05
N THR A 259 5.51 -6.89 -14.39
CA THR A 259 6.18 -7.25 -15.64
C THR A 259 5.27 -8.15 -16.47
N SER A 260 5.30 -7.98 -17.78
CA SER A 260 4.53 -8.90 -18.64
C SER A 260 5.27 -10.20 -18.88
N PHE A 261 6.48 -10.34 -18.33
CA PHE A 261 7.37 -11.52 -18.51
C PHE A 261 7.73 -12.03 -17.15
N SER A 262 7.97 -13.33 -17.08
CA SER A 262 8.46 -13.89 -15.82
C SER A 262 9.89 -14.36 -16.05
N GLN A 263 10.08 -15.02 -17.18
CA GLN A 263 11.37 -15.48 -17.65
C GLN A 263 11.97 -14.32 -18.50
N LYS B 3 11.11 20.60 10.09
CA LYS B 3 10.66 19.22 10.42
C LYS B 3 10.98 18.35 9.20
N TRP B 4 12.16 18.55 8.57
CA TRP B 4 12.46 17.81 7.32
C TRP B 4 12.45 16.31 7.61
N THR B 5 12.21 15.50 6.59
CA THR B 5 12.20 14.04 6.77
C THR B 5 12.78 13.39 5.49
N TYR B 6 12.69 12.08 5.41
CA TYR B 6 13.04 11.34 4.23
C TYR B 6 11.87 10.76 3.47
N PHE B 7 10.64 11.17 3.85
CA PHE B 7 9.47 10.54 3.29
C PHE B 7 8.31 11.46 3.43
N GLY B 8 7.63 11.71 2.32
CA GLY B 8 6.36 12.52 2.33
C GLY B 8 6.63 13.99 2.04
N PRO B 9 5.70 14.87 2.42
CA PRO B 9 5.80 16.28 2.04
C PRO B 9 7.00 16.99 2.38
N ASP B 10 7.75 16.56 3.42
CA ASP B 10 8.93 17.25 3.88
C ASP B 10 10.18 16.45 3.53
N GLY B 11 10.01 15.51 2.59
CA GLY B 11 11.06 14.66 2.06
C GLY B 11 12.02 15.38 1.13
N GLU B 12 12.97 14.65 0.57
CA GLU B 12 14.14 15.26 0.05
C GLU B 12 13.96 16.14 -1.18
N ASN B 13 12.86 15.91 -1.94
CA ASN B 13 12.63 16.81 -3.10
C ASN B 13 12.09 18.18 -2.63
N SER B 14 11.72 18.23 -1.35
CA SER B 14 11.25 19.53 -0.77
C SER B 14 12.21 20.22 0.12
N TRP B 15 13.34 19.60 0.46
CA TRP B 15 14.29 20.29 1.35
C TRP B 15 14.71 21.62 0.88
N SER B 16 14.89 21.83 -0.41
CA SER B 16 15.34 23.14 -0.95
C SER B 16 14.37 24.31 -0.66
N LYS B 17 13.14 23.97 -0.33
CA LYS B 17 12.15 25.03 -0.02
C LYS B 17 12.59 25.73 1.22
N LYS B 18 13.17 25.04 2.24
CA LYS B 18 13.60 25.74 3.50
C LYS B 18 15.10 25.85 3.56
N TYR B 19 15.88 25.06 2.79
CA TYR B 19 17.32 25.00 2.90
C TYR B 19 17.92 25.19 1.53
N PRO B 20 18.14 26.43 1.12
CA PRO B 20 18.53 26.70 -0.28
C PRO B 20 19.74 25.91 -0.77
N SER B 21 20.71 25.67 0.10
CA SER B 21 21.87 24.91 -0.42
C SER B 21 21.50 23.51 -0.89
N CYS B 22 20.44 22.91 -0.42
CA CYS B 22 20.04 21.58 -0.90
C CYS B 22 19.70 21.55 -2.37
N GLY B 23 19.35 22.72 -2.95
CA GLY B 23 19.15 22.91 -4.37
C GLY B 23 20.34 23.57 -5.03
N GLY B 24 21.48 23.62 -4.41
CA GLY B 24 22.65 24.33 -4.97
C GLY B 24 23.59 23.31 -5.60
N LEU B 25 24.76 23.79 -5.88
CA LEU B 25 25.71 22.85 -6.55
C LEU B 25 26.44 21.97 -5.50
N LEU B 26 27.27 21.06 -6.05
CA LEU B 26 28.21 20.29 -5.23
C LEU B 26 27.54 19.37 -4.20
N GLN B 27 26.38 18.85 -4.59
CA GLN B 27 25.61 18.01 -3.56
C GLN B 27 26.07 16.59 -3.48
N SER B 28 25.98 16.05 -2.29
CA SER B 28 26.19 14.62 -2.06
C SER B 28 24.94 13.93 -1.61
N PRO B 29 24.85 12.61 -1.63
CA PRO B 29 25.86 11.67 -2.15
C PRO B 29 25.80 11.55 -3.65
N ILE B 30 26.72 10.69 -4.13
CA ILE B 30 26.83 10.43 -5.61
C ILE B 30 27.10 8.96 -5.85
N ASP B 31 26.85 8.64 -7.12
CA ASP B 31 27.14 7.30 -7.59
C ASP B 31 28.59 7.24 -8.06
N LEU B 32 29.36 6.30 -7.51
CA LEU B 32 30.78 6.18 -7.91
C LEU B 32 30.84 5.17 -9.03
N HIS B 33 31.16 5.66 -10.24
CA HIS B 33 31.20 4.80 -11.45
C HIS B 33 32.34 5.26 -12.34
N SER B 34 32.73 4.32 -13.22
CA SER B 34 34.05 4.48 -13.94
C SER B 34 34.17 5.74 -14.71
N ASP B 35 33.09 6.24 -15.35
CA ASP B 35 33.28 7.39 -16.21
C ASP B 35 33.75 8.64 -15.53
N ILE B 36 33.59 8.73 -14.22
CA ILE B 36 33.91 9.97 -13.55
C ILE B 36 35.01 9.77 -12.49
N LEU B 37 35.68 8.63 -12.57
CA LEU B 37 36.80 8.27 -11.63
C LEU B 37 38.10 8.66 -12.32
N GLN B 38 39.04 9.15 -11.52
CA GLN B 38 40.40 9.38 -12.07
C GLN B 38 41.42 9.16 -10.98
N TYR B 39 42.43 8.37 -11.27
CA TYR B 39 43.44 8.07 -10.28
C TYR B 39 44.25 9.33 -10.00
N ASP B 40 44.54 9.57 -8.73
CA ASP B 40 45.37 10.72 -8.31
C ASP B 40 46.43 10.16 -7.37
N ALA B 41 47.71 10.01 -7.79
CA ALA B 41 48.79 9.54 -6.99
C ALA B 41 49.14 10.36 -5.77
N SER B 42 48.64 11.60 -5.75
N SER B 42 48.68 11.60 -5.73
CA SER B 42 48.81 12.50 -4.60
CA SER B 42 48.97 12.36 -4.56
C SER B 42 47.85 12.22 -3.40
C SER B 42 48.05 12.03 -3.37
N LEU B 43 47.00 11.22 -3.58
CA LEU B 43 46.14 10.78 -2.45
C LEU B 43 46.78 9.73 -1.61
N THR B 44 47.62 10.24 -0.70
CA THR B 44 48.41 9.39 0.16
C THR B 44 47.59 8.92 1.38
N PRO B 45 48.09 7.97 2.19
CA PRO B 45 47.24 7.43 3.20
C PRO B 45 46.93 8.38 4.34
N LEU B 46 45.69 8.31 4.83
CA LEU B 46 45.40 9.12 6.01
C LEU B 46 45.96 8.41 7.24
N GLU B 47 46.30 9.30 8.20
CA GLU B 47 46.63 8.78 9.50
C GLU B 47 45.49 9.09 10.50
N PHE B 48 45.14 8.04 11.23
CA PHE B 48 44.02 8.11 12.25
C PHE B 48 44.62 8.30 13.63
N GLN B 49 44.46 9.46 14.28
N GLN B 49 44.46 9.56 14.17
CA GLN B 49 45.15 9.54 15.54
CA GLN B 49 45.07 10.05 15.46
C GLN B 49 44.13 9.90 16.57
C GLN B 49 44.04 9.99 16.63
N GLY B 50 44.32 9.26 17.71
CA GLY B 50 43.43 9.38 18.86
C GLY B 50 42.10 8.67 18.61
N TYR B 51 42.07 7.79 17.60
CA TYR B 51 40.84 6.95 17.41
C TYR B 51 40.60 5.88 18.43
N ASN B 52 41.66 5.43 19.17
CA ASN B 52 41.51 4.39 20.13
C ASN B 52 41.02 4.97 21.46
N LEU B 53 39.72 5.13 21.58
CA LEU B 53 39.11 5.83 22.75
C LEU B 53 39.20 4.84 23.99
N SER B 54 39.51 5.43 25.16
CA SER B 54 39.62 4.59 26.32
C SER B 54 38.33 3.87 26.68
N ALA B 55 38.33 2.54 26.96
CA ALA B 55 37.17 1.90 27.44
C ALA B 55 36.68 2.31 28.81
N ASN B 56 37.54 3.08 29.48
CA ASN B 56 37.13 3.54 30.79
C ASN B 56 36.43 4.85 30.72
N LYS B 57 36.45 5.51 29.55
CA LYS B 57 35.74 6.76 29.32
C LYS B 57 34.43 6.41 28.59
N GLN B 58 33.53 7.36 28.59
CA GLN B 58 32.19 7.14 27.95
C GLN B 58 31.81 8.36 27.11
N PHE B 59 31.13 8.05 25.97
CA PHE B 59 30.83 8.95 24.91
C PHE B 59 29.34 8.98 24.64
N LEU B 60 28.84 10.17 24.39
CA LEU B 60 27.37 10.34 24.31
C LEU B 60 26.80 9.93 22.95
N LEU B 61 25.86 9.02 23.03
CA LEU B 61 25.04 8.53 21.89
C LEU B 61 23.70 9.20 21.94
N THR B 62 23.24 9.78 20.84
CA THR B 62 21.98 10.57 20.87
C THR B 62 21.19 10.22 19.61
N ASN B 63 19.87 10.10 19.76
CA ASN B 63 18.95 10.08 18.60
C ASN B 63 18.57 11.47 18.32
N ASN B 64 18.94 11.99 17.14
CA ASN B 64 18.69 13.42 16.85
C ASN B 64 17.42 13.65 16.02
N GLY B 65 16.62 12.59 15.91
CA GLY B 65 15.42 12.68 15.10
C GLY B 65 15.63 12.24 13.68
N HIS B 66 16.92 12.16 13.21
CA HIS B 66 17.24 11.83 11.79
C HIS B 66 18.20 10.68 11.67
N SER B 67 19.06 10.48 12.66
CA SER B 67 20.03 9.35 12.71
C SER B 67 20.29 9.09 14.20
N VAL B 68 21.21 8.13 14.39
CA VAL B 68 21.75 7.96 15.73
C VAL B 68 23.23 8.40 15.61
N LYS B 69 23.64 9.24 16.56
CA LYS B 69 25.02 9.88 16.50
C LYS B 69 25.76 9.59 17.77
N LEU B 70 27.07 9.39 17.64
CA LEU B 70 27.98 9.24 18.79
C LEU B 70 28.87 10.43 18.74
N ASN B 71 28.92 11.23 19.83
CA ASN B 71 29.90 12.43 19.92
C ASN B 71 31.32 11.89 20.17
N LEU B 72 32.24 12.57 19.48
CA LEU B 72 33.60 12.12 19.54
C LEU B 72 34.45 13.30 20.11
N PRO B 73 35.59 12.92 20.76
CA PRO B 73 36.39 13.94 21.45
C PRO B 73 37.30 14.69 20.50
N SER B 74 37.66 15.92 20.87
CA SER B 74 38.43 16.72 19.83
C SER B 74 39.87 16.29 19.73
N ASP B 75 40.36 15.46 20.65
CA ASP B 75 41.75 14.90 20.60
C ASP B 75 41.84 13.71 19.55
N MET B 76 40.73 13.45 18.85
CA MET B 76 40.67 12.48 17.73
C MET B 76 40.76 13.24 16.43
N HIS B 77 41.75 12.87 15.58
CA HIS B 77 41.98 13.63 14.38
C HIS B 77 42.37 12.79 13.20
N ILE B 78 42.23 13.37 12.04
CA ILE B 78 42.86 12.77 10.84
C ILE B 78 43.95 13.66 10.34
N GLN B 79 45.07 13.00 9.99
CA GLN B 79 46.35 13.64 9.56
C GLN B 79 46.57 13.10 8.15
N GLY B 80 47.08 13.98 7.33
CA GLY B 80 47.39 13.53 6.00
C GLY B 80 46.77 14.57 5.16
N LEU B 81 45.72 15.21 5.70
CA LEU B 81 45.11 16.36 4.96
C LEU B 81 45.97 17.62 5.13
N GLN B 82 45.61 18.72 4.52
CA GLN B 82 46.61 19.85 4.51
C GLN B 82 46.39 20.71 5.73
N SER B 83 45.36 20.35 6.55
CA SER B 83 45.27 20.83 7.96
C SER B 83 44.89 19.60 8.75
N ARG B 84 44.98 19.67 10.06
CA ARG B 84 44.50 18.57 10.89
C ARG B 84 42.97 18.77 10.98
N TYR B 85 42.25 17.65 10.90
CA TYR B 85 40.77 17.71 11.00
C TYR B 85 40.52 17.00 12.24
N SER B 86 39.68 17.62 13.11
CA SER B 86 39.35 16.96 14.36
C SER B 86 37.86 16.32 14.29
N ALA B 87 37.75 15.21 14.93
CA ALA B 87 36.44 14.45 15.00
C ALA B 87 35.43 15.26 15.72
N THR B 88 34.19 15.19 15.26
CA THR B 88 33.11 15.74 16.11
C THR B 88 32.03 14.72 16.44
N GLN B 89 31.67 13.85 15.43
CA GLN B 89 30.64 12.84 15.71
C GLN B 89 30.66 11.81 14.60
N LEU B 90 30.10 10.67 14.88
CA LEU B 90 29.78 9.68 13.79
C LEU B 90 28.30 9.33 13.84
N HIS B 91 27.77 8.86 12.68
CA HIS B 91 26.35 8.45 12.65
C HIS B 91 26.21 7.52 11.46
N LEU B 92 25.00 7.04 11.26
CA LEU B 92 24.70 6.08 10.19
C LEU B 92 23.48 6.42 9.35
N HIS B 93 23.45 5.80 8.16
CA HIS B 93 22.25 5.82 7.28
C HIS B 93 21.93 4.44 6.89
N TRP B 94 20.65 4.09 6.76
CA TRP B 94 20.21 2.69 6.51
C TRP B 94 18.84 2.69 5.83
N GLY B 95 18.44 1.46 5.48
CA GLY B 95 17.18 1.23 4.73
C GLY B 95 16.10 0.80 5.69
N ASN B 96 15.53 -0.38 5.45
CA ASN B 96 14.46 -0.88 6.30
C ASN B 96 14.48 -2.39 6.26
N PRO B 97 13.67 -3.08 7.14
CA PRO B 97 13.78 -4.50 7.24
C PRO B 97 13.42 -5.26 5.97
N ASN B 98 12.58 -4.69 5.14
CA ASN B 98 12.17 -5.38 3.92
C ASN B 98 13.02 -4.96 2.75
N ASP B 99 13.87 -3.98 2.89
CA ASP B 99 14.77 -3.51 1.79
C ASP B 99 16.05 -2.98 2.49
N PRO B 100 16.96 -3.88 2.88
CA PRO B 100 18.20 -3.44 3.60
C PRO B 100 19.21 -2.92 2.62
N HIS B 101 18.93 -1.81 1.99
CA HIS B 101 19.77 -1.23 0.92
C HIS B 101 19.75 0.23 1.05
N GLY B 102 20.31 0.75 2.13
CA GLY B 102 20.18 2.17 2.48
C GLY B 102 21.51 2.93 2.58
N SER B 103 22.58 2.49 1.91
CA SER B 103 23.69 3.40 1.82
C SER B 103 23.38 4.67 1.09
N GLU B 104 24.14 5.74 1.30
CA GLU B 104 23.98 6.98 0.61
C GLU B 104 24.75 6.99 -0.73
N HIS B 105 26.06 6.78 -0.64
CA HIS B 105 26.82 6.60 -1.88
C HIS B 105 26.49 5.23 -2.43
N THR B 106 26.50 5.16 -3.80
CA THR B 106 26.36 3.86 -4.51
C THR B 106 27.59 3.63 -5.33
N VAL B 107 27.80 2.37 -5.70
CA VAL B 107 28.99 2.03 -6.49
C VAL B 107 28.49 1.26 -7.67
N SER B 108 28.80 1.90 -8.82
CA SER B 108 28.30 1.34 -10.14
C SER B 108 26.83 1.03 -10.01
N GLY B 109 26.07 1.96 -9.45
CA GLY B 109 24.64 1.88 -9.41
C GLY B 109 24.03 1.08 -8.26
N GLN B 110 24.82 0.45 -7.43
CA GLN B 110 24.31 -0.53 -6.40
C GLN B 110 24.44 0.15 -4.99
N HIS B 111 23.37 0.06 -4.23
CA HIS B 111 23.40 0.43 -2.81
C HIS B 111 24.00 -0.68 -2.03
N PHE B 112 24.75 -0.33 -1.00
CA PHE B 112 25.12 -1.14 0.10
C PHE B 112 24.02 -1.14 1.14
N ALA B 113 24.11 -2.00 2.16
CA ALA B 113 23.06 -2.09 3.18
C ALA B 113 22.97 -0.82 3.96
N ALA B 114 24.13 -0.19 4.31
CA ALA B 114 24.07 1.00 5.21
C ALA B 114 25.40 1.71 4.99
N GLU B 115 25.55 2.82 5.72
CA GLU B 115 26.75 3.65 5.60
C GLU B 115 27.06 4.34 6.88
N LEU B 116 28.34 4.36 7.28
CA LEU B 116 28.82 5.07 8.49
C LEU B 116 29.50 6.32 8.02
N HIS B 117 29.21 7.46 8.63
CA HIS B 117 29.92 8.71 8.43
C HIS B 117 30.63 9.17 9.67
N ILE B 118 31.95 9.47 9.54
CA ILE B 118 32.69 10.02 10.72
C ILE B 118 33.06 11.41 10.34
N VAL B 119 32.41 12.41 11.01
CA VAL B 119 32.44 13.83 10.62
C VAL B 119 33.61 14.49 11.43
N HIS B 120 34.38 15.25 10.66
CA HIS B 120 35.50 16.05 11.22
C HIS B 120 35.38 17.47 10.67
N TYR B 121 36.03 18.42 11.42
CA TYR B 121 36.07 19.78 11.03
C TYR B 121 37.58 20.24 11.11
N ASN B 122 37.89 21.29 10.41
CA ASN B 122 39.30 21.77 10.52
C ASN B 122 39.60 22.48 11.90
N SER B 123 40.20 21.76 12.85
CA SER B 123 40.42 22.37 14.17
C SER B 123 41.58 23.37 14.14
N ASP B 124 42.38 23.34 13.07
CA ASP B 124 43.49 24.31 12.88
C ASP B 124 42.91 25.73 12.73
N LEU B 125 41.76 25.79 12.08
CA LEU B 125 41.05 27.02 11.65
C LEU B 125 39.79 27.38 12.41
N TYR B 126 39.17 26.42 13.09
CA TYR B 126 37.86 26.72 13.71
C TYR B 126 37.75 26.10 15.05
N PRO B 127 36.96 26.77 15.92
CA PRO B 127 36.58 26.51 17.33
C PRO B 127 35.70 25.26 17.55
N ASP B 128 34.93 24.88 16.52
CA ASP B 128 34.04 23.76 16.56
C ASP B 128 33.53 23.56 15.11
N ALA B 129 32.74 22.48 14.98
CA ALA B 129 32.23 21.97 13.75
C ALA B 129 31.11 22.86 13.21
N SER B 130 30.23 23.37 14.10
CA SER B 130 29.25 24.42 13.68
C SER B 130 29.87 25.62 12.92
N THR B 131 30.97 26.17 13.43
CA THR B 131 31.64 27.32 12.83
C THR B 131 32.28 26.94 11.51
N ALA B 132 32.79 25.69 11.42
CA ALA B 132 33.54 25.18 10.23
C ALA B 132 32.64 24.93 8.96
N SER B 133 31.39 24.75 9.29
CA SER B 133 30.45 24.22 8.34
C SER B 133 30.10 25.12 7.15
N ASN B 134 30.36 26.43 7.18
CA ASN B 134 30.19 27.26 5.98
C ASN B 134 31.46 27.64 5.32
N LYS B 135 32.57 27.13 5.83
CA LYS B 135 33.86 27.57 5.27
C LYS B 135 34.31 26.52 4.30
N SER B 136 34.93 26.96 3.22
CA SER B 136 35.45 26.06 2.21
C SER B 136 36.28 24.97 2.90
N GLU B 137 36.03 23.73 2.49
CA GLU B 137 36.59 22.47 3.13
C GLU B 137 36.74 22.61 4.67
N GLY B 138 35.72 23.16 5.33
CA GLY B 138 35.73 23.28 6.75
C GLY B 138 35.51 21.87 7.28
N LEU B 139 34.78 21.00 6.49
CA LEU B 139 34.46 19.64 7.02
C LEU B 139 35.10 18.54 6.21
N ALA B 140 35.45 17.45 6.85
CA ALA B 140 35.93 16.24 6.11
C ALA B 140 35.08 15.12 6.75
N VAL B 141 34.41 14.38 5.87
CA VAL B 141 33.66 13.24 6.39
C VAL B 141 34.25 11.96 5.78
N LEU B 142 34.48 10.97 6.65
CA LEU B 142 34.89 9.66 6.13
C LEU B 142 33.64 8.81 6.02
N ALA B 143 33.48 8.10 4.93
CA ALA B 143 32.35 7.21 4.74
C ALA B 143 32.75 5.75 4.59
N VAL B 144 32.12 4.87 5.32
CA VAL B 144 32.36 3.45 5.26
C VAL B 144 31.08 2.79 4.76
N LEU B 145 31.19 2.09 3.63
CA LEU B 145 30.10 1.28 3.08
C LEU B 145 29.95 0.03 3.87
N ILE B 146 28.71 -0.32 4.22
CA ILE B 146 28.38 -1.47 5.04
C ILE B 146 27.57 -2.50 4.26
N GLU B 147 28.04 -3.72 4.13
N GLU B 147 28.05 -3.73 4.28
CA GLU B 147 27.29 -4.73 3.40
CA GLU B 147 27.39 -4.83 3.58
C GLU B 147 26.84 -5.78 4.45
C GLU B 147 26.79 -5.81 4.57
N MET B 148 25.72 -6.45 4.17
CA MET B 148 25.21 -7.53 4.98
C MET B 148 26.16 -8.73 4.89
N GLY B 149 26.60 -9.16 6.08
CA GLY B 149 27.60 -10.25 6.08
C GLY B 149 27.74 -10.82 7.48
N SER B 150 29.00 -10.96 7.91
CA SER B 150 29.25 -11.49 9.24
C SER B 150 28.90 -10.45 10.34
N PHE B 151 28.57 -11.02 11.50
CA PHE B 151 28.46 -10.25 12.73
C PHE B 151 29.69 -9.49 12.99
N ASN B 152 29.55 -8.19 13.42
CA ASN B 152 30.68 -7.32 13.63
C ASN B 152 30.72 -6.82 15.07
N PRO B 153 31.57 -7.39 15.92
CA PRO B 153 31.55 -7.04 17.35
C PRO B 153 31.90 -5.58 17.56
N SER B 154 32.66 -4.94 16.68
CA SER B 154 33.00 -3.52 16.90
C SER B 154 31.77 -2.62 16.69
N TYR B 155 31.06 -2.82 15.55
CA TYR B 155 29.80 -2.06 15.37
C TYR B 155 28.84 -2.40 16.46
N ASP B 156 28.86 -3.58 17.05
CA ASP B 156 27.92 -3.91 18.10
C ASP B 156 28.19 -3.06 19.33
N LYS B 157 29.38 -2.47 19.47
CA LYS B 157 29.65 -1.62 20.66
C LYS B 157 28.69 -0.44 20.53
N ILE B 158 28.23 -0.03 19.34
CA ILE B 158 27.21 1.05 19.19
C ILE B 158 25.85 0.40 19.22
N PHE B 159 25.57 -0.71 18.46
CA PHE B 159 24.22 -1.18 18.30
C PHE B 159 23.67 -1.77 19.58
N SER B 160 24.50 -2.21 20.50
CA SER B 160 23.97 -2.75 21.74
C SER B 160 23.31 -1.71 22.57
N HIS B 161 23.44 -0.41 22.27
CA HIS B 161 22.79 0.69 23.05
C HIS B 161 21.55 1.22 22.39
N LEU B 162 21.12 0.66 21.25
CA LEU B 162 20.06 1.30 20.46
C LEU B 162 18.77 1.32 21.26
N GLN B 163 18.50 0.32 22.12
CA GLN B 163 17.18 0.34 22.78
C GLN B 163 17.10 1.38 23.89
N HIS B 164 18.14 2.11 24.14
CA HIS B 164 18.22 3.22 25.06
C HIS B 164 18.16 4.63 24.43
N VAL B 165 18.16 4.64 23.07
CA VAL B 165 18.05 5.92 22.38
C VAL B 165 16.92 5.77 21.35
N LYS B 166 15.84 5.07 21.68
CA LYS B 166 14.80 4.73 20.69
C LYS B 166 14.13 5.99 20.18
N TYR B 167 14.05 7.05 20.98
CA TYR B 167 13.23 8.19 20.59
C TYR B 167 14.03 9.51 20.48
N LYS B 168 13.54 10.41 19.65
CA LYS B 168 14.22 11.70 19.45
C LYS B 168 14.54 12.39 20.79
N GLY B 169 15.78 12.83 20.90
CA GLY B 169 16.33 13.57 22.08
C GLY B 169 16.86 12.68 23.11
N GLN B 170 16.68 11.36 23.04
CA GLN B 170 17.17 10.51 24.08
C GLN B 170 18.74 10.33 23.88
N GLU B 171 19.38 10.14 24.99
CA GLU B 171 20.87 10.05 25.07
C GLU B 171 21.28 8.83 25.91
N ALA B 172 22.40 8.22 25.59
CA ALA B 172 22.98 7.01 26.24
C ALA B 172 24.50 7.23 26.21
N PHE B 173 25.20 6.57 27.10
CA PHE B 173 26.67 6.60 27.11
C PHE B 173 27.22 5.26 26.66
N VAL B 174 28.21 5.34 25.79
CA VAL B 174 28.83 4.18 25.14
C VAL B 174 30.30 4.19 25.65
N PRO B 175 30.73 3.10 26.31
CA PRO B 175 32.15 3.07 26.63
C PRO B 175 33.07 3.29 25.42
N GLY B 176 34.21 3.85 25.58
CA GLY B 176 35.17 4.05 24.49
C GLY B 176 35.65 2.70 23.91
N PHE B 177 35.89 2.74 22.60
CA PHE B 177 36.52 1.60 21.91
C PHE B 177 37.29 2.22 20.81
N ASN B 178 38.03 1.33 20.11
CA ASN B 178 38.85 1.76 19.04
C ASN B 178 38.01 1.97 17.76
N ILE B 179 37.81 3.23 17.50
CA ILE B 179 37.01 3.65 16.28
C ILE B 179 37.59 3.14 15.01
N GLU B 180 38.91 3.11 14.92
N GLU B 180 38.90 2.83 14.99
CA GLU B 180 39.48 2.53 13.74
CA GLU B 180 39.53 2.25 13.76
C GLU B 180 38.94 1.10 13.44
C GLU B 180 39.00 0.87 13.43
N GLU B 181 38.44 0.26 14.41
CA GLU B 181 37.84 -1.04 14.18
C GLU B 181 36.55 -0.93 13.31
N LEU B 182 36.03 0.30 13.14
CA LEU B 182 34.81 0.46 12.30
C LEU B 182 35.24 0.64 10.85
N LEU B 183 36.52 0.86 10.57
CA LEU B 183 37.00 1.10 9.20
C LEU B 183 37.32 -0.24 8.53
N PRO B 184 37.28 -0.24 7.17
CA PRO B 184 37.54 -1.48 6.42
C PRO B 184 39.00 -1.75 6.30
N GLU B 185 39.20 -2.88 5.63
CA GLU B 185 40.56 -3.20 5.13
C GLU B 185 41.07 -2.25 4.11
N ARG B 186 42.37 -1.99 4.20
CA ARG B 186 43.09 -1.26 3.16
C ARG B 186 42.54 0.17 3.05
N THR B 187 42.55 0.85 4.19
CA THR B 187 42.11 2.22 4.20
C THR B 187 42.89 3.15 3.28
N ALA B 188 44.07 2.70 2.80
CA ALA B 188 44.78 3.50 1.89
C ALA B 188 44.08 3.65 0.54
N GLU B 189 43.14 2.75 0.24
N GLU B 189 43.15 2.75 0.25
CA GLU B 189 42.33 2.80 -1.00
CA GLU B 189 42.35 2.85 -0.97
C GLU B 189 40.97 3.51 -0.80
C GLU B 189 41.04 3.56 -0.69
N TYR B 190 40.87 4.68 -1.37
CA TYR B 190 39.66 5.48 -1.16
C TYR B 190 39.33 6.33 -2.36
N TYR B 191 38.08 6.82 -2.40
CA TYR B 191 37.58 7.79 -3.32
C TYR B 191 37.54 9.13 -2.58
N ARG B 192 37.90 10.22 -3.25
CA ARG B 192 37.92 11.58 -2.68
C ARG B 192 37.22 12.53 -3.60
N TYR B 193 36.33 13.35 -3.10
CA TYR B 193 35.72 14.32 -3.93
C TYR B 193 35.17 15.50 -3.13
N ARG B 194 34.80 16.57 -3.83
CA ARG B 194 34.26 17.76 -3.13
C ARG B 194 32.77 17.69 -3.19
N GLY B 195 32.12 17.76 -1.98
CA GLY B 195 30.62 17.66 -1.98
C GLY B 195 30.06 18.48 -0.87
N SER B 196 28.98 17.89 -0.30
CA SER B 196 28.16 18.62 0.63
C SER B 196 27.74 17.67 1.81
N LEU B 197 27.11 18.32 2.80
CA LEU B 197 26.32 17.54 3.80
C LEU B 197 25.19 16.89 3.07
N THR B 198 24.86 15.62 3.45
CA THR B 198 23.77 14.91 2.75
C THR B 198 22.40 15.11 3.38
N THR B 199 22.37 15.97 4.46
CA THR B 199 21.08 16.33 5.06
C THR B 199 21.03 17.86 5.04
N PRO B 200 19.83 18.45 5.21
CA PRO B 200 19.78 19.87 5.48
C PRO B 200 20.76 20.23 6.60
N PRO B 201 21.48 21.36 6.49
N PRO B 201 21.42 21.40 6.50
CA PRO B 201 21.36 22.43 5.51
CA PRO B 201 21.17 22.42 5.43
C PRO B 201 22.12 22.24 4.21
C PRO B 201 21.89 22.15 4.11
N CYS B 202 22.65 21.04 4.01
CA CYS B 202 23.28 20.64 2.70
C CYS B 202 24.49 21.53 2.26
N ASN B 203 25.18 22.05 3.25
CA ASN B 203 26.26 23.00 2.98
C ASN B 203 27.24 22.30 2.05
N PRO B 204 27.69 22.97 0.96
CA PRO B 204 28.68 22.36 0.01
C PRO B 204 30.10 22.54 0.50
N THR B 205 30.38 22.07 1.72
CA THR B 205 31.60 22.43 2.36
C THR B 205 32.33 21.18 2.91
N VAL B 206 31.98 20.02 2.30
CA VAL B 206 32.63 18.72 2.69
C VAL B 206 33.68 18.15 1.69
N LEU B 207 34.84 17.85 2.26
CA LEU B 207 35.82 16.97 1.56
C LEU B 207 35.41 15.50 1.98
N TRP B 208 34.94 14.76 1.00
CA TRP B 208 34.48 13.37 1.20
C TRP B 208 35.63 12.42 0.97
N THR B 209 35.78 11.44 1.85
CA THR B 209 36.67 10.30 1.60
C THR B 209 35.75 9.06 1.75
N VAL B 210 35.54 8.28 0.69
CA VAL B 210 34.75 7.04 0.78
C VAL B 210 35.73 5.91 0.65
N PHE B 211 35.84 5.08 1.66
CA PHE B 211 36.78 3.95 1.48
C PHE B 211 36.36 3.00 0.42
N ARG B 212 37.34 2.44 -0.31
CA ARG B 212 36.95 1.50 -1.37
C ARG B 212 36.28 0.25 -0.87
N ASN B 213 36.75 -0.34 0.26
CA ASN B 213 36.29 -1.62 0.66
C ASN B 213 35.16 -1.43 1.70
N PRO B 214 34.09 -2.20 1.59
CA PRO B 214 33.04 -2.23 2.63
C PRO B 214 33.49 -2.98 3.88
N VAL B 215 32.76 -2.75 4.94
CA VAL B 215 32.77 -3.66 6.09
C VAL B 215 31.52 -4.46 6.09
N GLN B 216 31.42 -5.52 6.86
CA GLN B 216 30.21 -6.34 7.03
C GLN B 216 29.62 -6.18 8.44
N ILE B 217 28.30 -6.18 8.52
CA ILE B 217 27.58 -6.39 9.78
C ILE B 217 26.51 -7.42 9.44
N SER B 218 25.94 -8.08 10.44
CA SER B 218 24.99 -9.18 10.13
C SER B 218 23.66 -8.71 9.77
N GLN B 219 22.83 -9.61 9.23
CA GLN B 219 21.40 -9.32 9.05
C GLN B 219 20.75 -8.93 10.39
N GLU B 220 21.12 -9.61 11.44
CA GLU B 220 20.44 -9.34 12.73
C GLU B 220 20.84 -7.98 13.23
N GLN B 221 22.09 -7.55 12.98
CA GLN B 221 22.49 -6.19 13.42
C GLN B 221 21.82 -5.20 12.54
N LEU B 222 21.69 -5.42 11.25
CA LEU B 222 20.91 -4.48 10.42
C LEU B 222 19.47 -4.42 10.91
N LEU B 223 18.85 -5.58 11.21
CA LEU B 223 17.44 -5.58 11.61
C LEU B 223 17.29 -4.77 12.89
N ALA B 224 18.21 -4.91 13.85
CA ALA B 224 18.12 -4.08 15.07
C ALA B 224 18.21 -2.62 14.71
N LEU B 225 19.17 -2.22 13.87
CA LEU B 225 19.29 -0.82 13.50
C LEU B 225 18.04 -0.28 12.78
N GLU B 226 17.41 -1.12 11.98
CA GLU B 226 16.29 -0.76 11.21
C GLU B 226 14.96 -0.76 11.99
N THR B 227 14.91 -1.42 13.10
CA THR B 227 13.65 -1.49 13.86
C THR B 227 13.71 -0.83 15.22
N ALA B 228 14.87 -0.40 15.71
CA ALA B 228 14.92 0.08 17.08
C ALA B 228 14.47 1.53 17.22
N LEU B 229 14.62 2.36 16.21
CA LEU B 229 14.64 3.78 16.37
C LEU B 229 13.48 4.47 15.67
N TYR B 230 13.07 5.57 16.28
CA TYR B 230 11.97 6.52 15.87
C TYR B 230 12.52 7.91 15.61
N CYS B 231 12.02 8.59 14.63
CA CYS B 231 12.33 9.97 14.37
C CYS B 231 11.70 10.92 15.42
N THR B 232 10.65 10.40 16.08
CA THR B 232 9.75 11.25 16.93
C THR B 232 10.05 11.02 18.39
N HIS B 233 9.59 12.01 19.19
CA HIS B 233 9.71 11.89 20.62
C HIS B 233 8.87 10.76 21.24
N MET B 234 9.28 10.29 22.41
CA MET B 234 8.64 9.15 23.13
C MET B 234 7.12 9.38 23.27
N ASP B 235 6.74 10.64 23.46
CA ASP B 235 5.26 10.89 23.65
C ASP B 235 4.55 11.39 22.40
N ASP B 236 5.08 11.26 21.19
CA ASP B 236 4.43 11.73 20.04
C ASP B 236 3.25 10.81 19.64
N PRO B 237 2.01 11.37 19.45
CA PRO B 237 0.92 10.54 19.05
C PRO B 237 0.90 10.18 17.54
N SER B 238 1.87 10.64 16.71
N SER B 238 1.90 10.71 16.81
CA SER B 238 2.03 10.17 15.30
CA SER B 238 2.16 10.43 15.40
C SER B 238 3.46 9.73 15.07
C SER B 238 3.59 9.88 15.25
N PRO B 239 3.80 8.63 15.70
CA PRO B 239 5.19 8.10 15.60
C PRO B 239 5.61 7.85 14.21
N ARG B 240 6.93 8.06 13.99
CA ARG B 240 7.50 7.78 12.64
C ARG B 240 8.78 6.98 12.81
N GLU B 241 8.86 5.80 12.25
CA GLU B 241 10.03 4.91 12.33
C GLU B 241 11.19 5.59 11.59
N MET B 242 12.37 5.45 12.22
CA MET B 242 13.62 5.95 11.56
C MET B 242 14.21 4.83 10.63
N ILE B 243 13.74 4.96 9.40
CA ILE B 243 14.06 4.02 8.34
C ILE B 243 14.30 4.80 7.08
N ASN B 244 15.05 4.18 6.12
CA ASN B 244 15.27 4.83 4.82
C ASN B 244 15.75 6.23 4.94
N ASN B 245 16.71 6.44 5.87
CA ASN B 245 17.26 7.77 6.17
C ASN B 245 18.52 7.97 5.37
N PHE B 246 18.37 7.88 4.05
CA PHE B 246 19.48 8.14 3.10
C PHE B 246 18.92 9.02 2.00
N ARG B 247 19.73 9.88 1.45
CA ARG B 247 19.35 10.75 0.29
C ARG B 247 19.65 10.01 -0.98
N GLN B 248 18.83 10.25 -2.01
CA GLN B 248 19.18 9.79 -3.40
C GLN B 248 20.47 10.41 -3.90
N VAL B 249 21.15 9.68 -4.80
CA VAL B 249 22.35 10.27 -5.35
C VAL B 249 22.07 11.47 -6.24
N GLN B 250 23.03 12.33 -6.37
CA GLN B 250 22.92 13.68 -6.97
C GLN B 250 23.59 13.78 -8.29
N LYS B 251 23.14 14.72 -9.14
CA LYS B 251 23.87 14.97 -10.38
C LYS B 251 25.37 15.32 -10.04
N PHE B 252 26.29 14.94 -10.97
CA PHE B 252 27.67 15.33 -10.78
C PHE B 252 28.06 16.78 -10.92
N ASP B 253 27.34 17.59 -11.70
CA ASP B 253 27.68 19.00 -11.90
C ASP B 253 29.13 19.17 -12.44
N GLU B 254 29.62 18.24 -13.33
CA GLU B 254 30.98 18.32 -13.94
C GLU B 254 32.13 17.88 -12.98
N ARG B 255 31.81 17.48 -11.76
CA ARG B 255 32.86 16.96 -10.86
C ARG B 255 33.47 15.60 -11.39
N LEU B 256 34.78 15.36 -11.08
CA LEU B 256 35.34 14.02 -11.07
C LEU B 256 35.48 13.57 -9.58
N VAL B 257 35.65 12.30 -9.41
CA VAL B 257 35.95 11.63 -8.16
C VAL B 257 37.38 11.11 -8.32
N TYR B 258 38.29 11.45 -7.44
CA TYR B 258 39.67 11.01 -7.52
C TYR B 258 39.92 9.82 -6.68
N THR B 259 40.68 8.85 -7.17
CA THR B 259 40.89 7.63 -6.47
C THR B 259 42.36 7.46 -6.03
N SER B 260 42.60 6.88 -4.90
CA SER B 260 43.99 6.64 -4.44
C SER B 260 44.51 5.32 -5.03
N PHE B 261 43.66 4.58 -5.72
CA PHE B 261 43.98 3.29 -6.28
C PHE B 261 43.81 3.43 -7.79
N SER B 262 44.73 2.77 -8.55
CA SER B 262 44.66 2.96 -9.99
C SER B 262 43.92 1.82 -10.61
N GLN B 263 43.76 0.67 -9.90
CA GLN B 263 42.99 -0.44 -10.42
C GLN B 263 42.53 -1.24 -9.23
N LYS C 3 -27.16 8.74 -1.53
N LYS C 3 -28.60 9.26 -0.02
CA LYS C 3 -25.72 8.94 -1.15
CA LYS C 3 -27.18 8.83 -0.26
C LYS C 3 -25.12 7.90 -0.18
C LYS C 3 -26.65 7.73 0.69
N TRP C 4 -25.85 6.82 0.10
CA TRP C 4 -25.26 5.70 0.84
C TRP C 4 -24.17 5.15 -0.01
N THR C 5 -23.15 4.57 0.62
CA THR C 5 -22.03 4.04 -0.12
C THR C 5 -21.60 2.70 0.50
N TYR C 6 -20.49 2.10 0.05
CA TYR C 6 -19.85 0.93 0.66
C TYR C 6 -18.55 1.22 1.45
N PHE C 7 -18.31 2.50 1.88
CA PHE C 7 -17.04 2.87 2.67
C PHE C 7 -17.29 4.10 3.59
N GLY C 8 -16.20 4.79 4.04
CA GLY C 8 -16.19 6.12 4.76
C GLY C 8 -17.30 6.11 5.77
N PRO C 9 -17.98 7.25 5.96
CA PRO C 9 -19.00 7.29 7.00
C PRO C 9 -20.41 7.02 6.51
N ASP C 10 -20.59 6.88 5.18
CA ASP C 10 -21.93 6.55 4.67
C ASP C 10 -22.12 5.10 4.23
N GLY C 11 -21.18 4.28 4.68
CA GLY C 11 -21.07 2.83 4.38
C GLY C 11 -22.06 1.97 5.20
N GLU C 12 -21.96 0.65 5.00
CA GLU C 12 -23.01 -0.23 5.41
C GLU C 12 -23.31 -0.22 6.90
N ASN C 13 -22.38 0.03 7.79
CA ASN C 13 -22.77 0.08 9.17
C ASN C 13 -23.61 1.29 9.52
N SER C 14 -23.57 2.30 8.65
N SER C 14 -23.69 2.32 8.68
CA SER C 14 -24.36 3.56 8.82
CA SER C 14 -24.57 3.48 9.00
C SER C 14 -25.73 3.52 8.16
C SER C 14 -25.80 3.54 8.11
N TRP C 15 -26.00 2.55 7.26
CA TRP C 15 -27.26 2.53 6.49
C TRP C 15 -28.47 2.65 7.39
N SER C 16 -28.46 1.99 8.57
CA SER C 16 -29.68 1.91 9.40
C SER C 16 -30.03 3.30 9.91
N LYS C 17 -29.13 4.28 9.85
CA LYS C 17 -29.55 5.66 10.34
C LYS C 17 -30.69 6.20 9.47
N LYS C 18 -30.54 6.13 8.16
CA LYS C 18 -31.56 6.64 7.23
C LYS C 18 -32.51 5.56 6.78
N TYR C 19 -32.13 4.27 6.86
CA TYR C 19 -32.92 3.18 6.35
C TYR C 19 -33.15 2.18 7.45
N PRO C 20 -34.15 2.30 8.28
CA PRO C 20 -34.19 1.58 9.51
C PRO C 20 -34.21 0.05 9.28
N SER C 21 -34.73 -0.39 8.15
CA SER C 21 -34.82 -1.87 7.94
C SER C 21 -33.44 -2.49 7.84
N CYS C 22 -32.42 -1.69 7.54
CA CYS C 22 -31.05 -2.24 7.46
C CYS C 22 -30.52 -2.70 8.80
N GLY C 23 -31.19 -2.32 9.89
CA GLY C 23 -30.85 -2.84 11.24
C GLY C 23 -31.94 -3.76 11.76
N GLY C 24 -32.86 -4.20 10.90
CA GLY C 24 -33.97 -5.02 11.35
C GLY C 24 -33.77 -6.51 11.15
N LEU C 25 -34.87 -7.22 11.05
CA LEU C 25 -34.86 -8.66 10.89
C LEU C 25 -34.62 -9.04 9.43
N LEU C 26 -34.27 -10.34 9.26
CA LEU C 26 -34.30 -11.08 7.95
C LEU C 26 -33.26 -10.46 7.00
N GLN C 27 -32.14 -9.94 7.49
CA GLN C 27 -31.18 -9.32 6.59
C GLN C 27 -30.34 -10.29 5.80
N SER C 28 -30.09 -9.93 4.56
CA SER C 28 -29.22 -10.64 3.59
C SER C 28 -28.00 -9.79 3.25
N PRO C 29 -26.92 -10.35 2.75
CA PRO C 29 -26.75 -11.74 2.43
C PRO C 29 -26.28 -12.53 3.63
N ILE C 30 -26.12 -13.84 3.42
CA ILE C 30 -25.75 -14.78 4.46
C ILE C 30 -24.73 -15.79 3.88
N ASP C 31 -24.07 -16.47 4.86
CA ASP C 31 -23.21 -17.61 4.53
C ASP C 31 -24.07 -18.87 4.46
N LEU C 32 -23.92 -19.56 3.33
CA LEU C 32 -24.62 -20.86 3.09
C LEU C 32 -23.68 -22.04 3.43
N HIS C 33 -23.98 -22.73 4.51
CA HIS C 33 -23.04 -23.77 4.98
C HIS C 33 -23.83 -24.98 5.41
N SER C 34 -23.17 -26.13 5.51
N SER C 34 -23.25 -26.20 5.43
CA SER C 34 -23.86 -27.41 5.53
CA SER C 34 -24.12 -27.45 5.50
C SER C 34 -24.83 -27.56 6.64
C SER C 34 -24.97 -27.54 6.72
N ASP C 35 -24.44 -27.06 7.82
CA ASP C 35 -25.21 -27.34 9.04
C ASP C 35 -26.50 -26.57 9.14
N ILE C 36 -26.77 -25.65 8.20
CA ILE C 36 -28.04 -24.93 8.21
C ILE C 36 -28.86 -25.25 6.97
N LEU C 37 -28.42 -26.21 6.17
CA LEU C 37 -29.18 -26.56 4.93
C LEU C 37 -30.15 -27.69 5.20
N GLN C 38 -31.32 -27.61 4.63
CA GLN C 38 -32.30 -28.69 4.78
C GLN C 38 -32.97 -28.89 3.41
N TYR C 39 -32.98 -30.13 2.89
CA TYR C 39 -33.74 -30.41 1.70
C TYR C 39 -35.21 -30.16 1.86
N ASP C 40 -35.85 -29.56 0.87
CA ASP C 40 -37.30 -29.22 0.92
C ASP C 40 -37.89 -29.65 -0.45
N ALA C 41 -38.80 -30.65 -0.41
CA ALA C 41 -39.40 -31.21 -1.68
C ALA C 41 -40.27 -30.24 -2.36
N SER C 42 -40.63 -29.12 -1.72
CA SER C 42 -41.48 -28.15 -2.36
C SER C 42 -40.70 -27.35 -3.45
N LEU C 43 -39.36 -27.47 -3.44
CA LEU C 43 -38.50 -26.63 -4.28
C LEU C 43 -38.28 -27.21 -5.67
N THR C 44 -39.37 -27.14 -6.44
CA THR C 44 -39.41 -27.67 -7.80
C THR C 44 -38.68 -26.70 -8.74
N PRO C 45 -38.46 -27.07 -10.01
CA PRO C 45 -37.69 -26.19 -10.93
C PRO C 45 -38.49 -24.96 -11.27
N LEU C 46 -37.89 -23.75 -11.31
CA LEU C 46 -38.51 -22.52 -11.77
C LEU C 46 -38.48 -22.56 -13.31
N GLU C 47 -39.41 -21.84 -13.89
CA GLU C 47 -39.36 -21.55 -15.33
C GLU C 47 -39.17 -20.09 -15.55
N PHE C 48 -38.35 -19.74 -16.53
CA PHE C 48 -38.00 -18.36 -16.80
C PHE C 48 -38.68 -18.01 -18.13
N GLN C 49 -39.66 -17.18 -17.99
CA GLN C 49 -40.54 -16.81 -19.13
C GLN C 49 -40.26 -15.44 -19.68
N GLY C 50 -40.22 -15.29 -21.05
CA GLY C 50 -39.99 -13.99 -21.60
C GLY C 50 -38.60 -13.46 -21.38
N TYR C 51 -37.68 -14.36 -21.05
CA TYR C 51 -36.25 -13.99 -20.85
C TYR C 51 -35.50 -13.74 -22.17
N ASN C 52 -36.06 -14.25 -23.28
CA ASN C 52 -35.30 -14.13 -24.54
C ASN C 52 -35.63 -12.81 -25.20
N LEU C 53 -34.85 -11.78 -24.90
CA LEU C 53 -35.29 -10.46 -25.22
C LEU C 53 -34.86 -10.17 -26.66
N SER C 54 -35.84 -9.63 -27.39
CA SER C 54 -35.92 -9.14 -28.80
C SER C 54 -34.58 -8.57 -29.25
N ALA C 55 -34.05 -9.09 -30.35
CA ALA C 55 -32.96 -8.42 -31.01
C ALA C 55 -33.55 -7.03 -31.27
N ASN C 56 -32.73 -6.09 -31.68
CA ASN C 56 -33.26 -4.78 -32.04
C ASN C 56 -33.90 -4.02 -30.87
N LYS C 57 -34.30 -4.74 -29.83
CA LYS C 57 -34.84 -4.11 -28.63
C LYS C 57 -33.68 -3.55 -27.84
N GLN C 58 -33.93 -2.53 -27.01
CA GLN C 58 -32.90 -1.79 -26.31
C GLN C 58 -33.38 -1.72 -24.87
N PHE C 59 -32.42 -1.88 -23.93
CA PHE C 59 -32.67 -1.88 -22.46
C PHE C 59 -31.71 -0.93 -21.82
N LEU C 60 -32.22 -0.08 -20.95
CA LEU C 60 -31.43 1.01 -20.42
C LEU C 60 -30.42 0.45 -19.38
N LEU C 61 -29.14 0.69 -19.60
CA LEU C 61 -28.05 0.41 -18.62
C LEU C 61 -27.68 1.67 -17.88
N THR C 62 -27.51 1.63 -16.59
CA THR C 62 -27.40 2.84 -15.77
C THR C 62 -26.32 2.56 -14.78
N ASN C 63 -25.36 3.45 -14.69
CA ASN C 63 -24.59 3.49 -13.50
C ASN C 63 -25.28 4.35 -12.49
N ASN C 64 -25.79 3.72 -11.42
CA ASN C 64 -26.49 4.48 -10.37
C ASN C 64 -25.63 4.87 -9.20
N GLY C 65 -24.31 4.78 -9.39
CA GLY C 65 -23.40 5.09 -8.29
C GLY C 65 -23.15 3.97 -7.29
N HIS C 66 -23.96 2.91 -7.39
CA HIS C 66 -23.85 1.76 -6.49
C HIS C 66 -23.52 0.51 -7.24
N SER C 67 -24.01 0.36 -8.44
CA SER C 67 -23.78 -0.77 -9.27
C SER C 67 -24.03 -0.35 -10.73
N VAL C 68 -23.96 -1.30 -11.62
CA VAL C 68 -24.44 -1.11 -12.96
C VAL C 68 -25.69 -1.98 -13.10
N LYS C 69 -26.76 -1.36 -13.60
CA LYS C 69 -28.08 -2.02 -13.63
C LYS C 69 -28.62 -1.96 -15.01
N LEU C 70 -29.22 -3.05 -15.43
CA LEU C 70 -29.93 -3.13 -16.69
C LEU C 70 -31.42 -3.20 -16.39
N ASN C 71 -32.21 -2.26 -16.91
CA ASN C 71 -33.63 -2.29 -16.76
C ASN C 71 -34.18 -3.48 -17.59
N LEU C 72 -35.21 -4.18 -17.04
CA LEU C 72 -35.75 -5.37 -17.70
C LEU C 72 -37.28 -5.18 -17.81
N PRO C 73 -37.89 -5.74 -18.85
CA PRO C 73 -39.31 -5.48 -19.10
C PRO C 73 -40.22 -6.41 -18.25
N SER C 74 -41.36 -5.88 -17.85
CA SER C 74 -42.32 -6.56 -16.97
C SER C 74 -42.97 -7.82 -17.57
N ASP C 75 -42.96 -7.93 -18.88
N ASP C 75 -42.82 -8.05 -18.89
CA ASP C 75 -43.49 -9.17 -19.38
CA ASP C 75 -43.28 -9.34 -19.51
C ASP C 75 -42.56 -10.38 -19.03
C ASP C 75 -42.34 -10.51 -19.29
N MET C 76 -41.25 -10.17 -18.70
CA MET C 76 -40.32 -11.22 -18.30
C MET C 76 -40.64 -11.62 -16.85
N HIS C 77 -40.78 -12.91 -16.68
CA HIS C 77 -41.26 -13.44 -15.32
C HIS C 77 -40.81 -14.79 -14.97
N ILE C 78 -40.78 -15.01 -13.64
CA ILE C 78 -40.61 -16.38 -13.13
C ILE C 78 -41.96 -17.10 -12.89
N GLN C 79 -42.06 -18.32 -13.40
CA GLN C 79 -43.17 -19.18 -13.14
C GLN C 79 -42.70 -20.25 -12.19
N GLY C 80 -43.54 -20.65 -11.24
CA GLY C 80 -43.23 -21.71 -10.30
C GLY C 80 -43.31 -21.35 -8.82
N LEU C 81 -43.42 -20.06 -8.53
CA LEU C 81 -43.56 -19.61 -7.17
C LEU C 81 -45.07 -19.42 -6.86
N GLN C 82 -45.42 -19.00 -5.67
CA GLN C 82 -46.86 -18.93 -5.37
C GLN C 82 -47.58 -17.77 -6.06
N SER C 83 -46.84 -16.73 -6.48
CA SER C 83 -47.35 -15.57 -7.27
C SER C 83 -46.44 -15.46 -8.44
N ARG C 84 -46.89 -14.82 -9.53
CA ARG C 84 -46.00 -14.35 -10.57
C ARG C 84 -45.13 -13.26 -10.11
N TYR C 85 -43.81 -13.43 -10.36
CA TYR C 85 -42.88 -12.33 -10.11
C TYR C 85 -42.33 -11.89 -11.46
N SER C 86 -42.51 -10.62 -11.73
CA SER C 86 -42.07 -10.03 -12.97
C SER C 86 -40.74 -9.28 -12.81
N ALA C 87 -39.94 -9.33 -13.87
CA ALA C 87 -38.66 -8.64 -13.81
C ALA C 87 -38.74 -7.13 -13.76
N THR C 88 -37.76 -6.54 -13.07
CA THR C 88 -37.51 -5.12 -13.02
C THR C 88 -36.13 -4.69 -13.47
N GLN C 89 -35.04 -5.38 -13.06
CA GLN C 89 -33.68 -4.93 -13.41
C GLN C 89 -32.78 -6.09 -12.98
N LEU C 90 -31.58 -6.14 -13.58
CA LEU C 90 -30.53 -6.92 -13.00
C LEU C 90 -29.35 -6.05 -12.73
N HIS C 91 -28.43 -6.52 -11.88
CA HIS C 91 -27.26 -5.74 -11.53
C HIS C 91 -26.22 -6.69 -10.94
N LEU C 92 -24.98 -6.18 -10.68
CA LEU C 92 -23.92 -7.05 -10.18
C LEU C 92 -23.28 -6.42 -8.93
N HIS C 93 -22.56 -7.36 -8.23
CA HIS C 93 -21.67 -6.99 -7.08
C HIS C 93 -20.30 -7.62 -7.29
N TRP C 94 -19.24 -6.86 -7.00
CA TRP C 94 -17.91 -7.41 -7.14
C TRP C 94 -16.98 -6.82 -6.05
N GLY C 95 -15.70 -7.27 -6.19
CA GLY C 95 -14.64 -6.88 -5.22
C GLY C 95 -13.70 -5.84 -5.88
N ASN C 96 -12.39 -6.17 -5.79
CA ASN C 96 -11.41 -5.25 -6.42
C ASN C 96 -10.25 -6.10 -6.92
N PRO C 97 -9.34 -5.53 -7.78
CA PRO C 97 -8.31 -6.44 -8.33
C PRO C 97 -7.27 -7.02 -7.34
N ASN C 98 -7.13 -6.33 -6.25
CA ASN C 98 -6.23 -6.78 -5.14
C ASN C 98 -6.91 -7.84 -4.27
N ASP C 99 -8.25 -7.90 -4.30
CA ASP C 99 -9.00 -8.94 -3.50
C ASP C 99 -10.27 -9.25 -4.32
N PRO C 100 -10.11 -10.12 -5.33
CA PRO C 100 -11.17 -10.26 -6.36
C PRO C 100 -12.20 -11.32 -5.90
N HIS C 101 -12.82 -11.04 -4.74
CA HIS C 101 -13.78 -12.00 -4.10
C HIS C 101 -14.91 -11.15 -3.52
N GLY C 102 -15.83 -10.69 -4.37
CA GLY C 102 -16.88 -9.77 -4.01
C GLY C 102 -18.30 -10.20 -4.24
N SER C 103 -18.52 -11.50 -4.22
CA SER C 103 -19.93 -11.95 -4.12
C SER C 103 -20.54 -11.47 -2.77
N GLU C 104 -21.86 -11.51 -2.72
CA GLU C 104 -22.56 -11.18 -1.50
C GLU C 104 -22.79 -12.37 -0.66
N HIS C 105 -23.49 -13.39 -1.19
CA HIS C 105 -23.57 -14.66 -0.46
C HIS C 105 -22.25 -15.35 -0.48
N THR C 106 -21.96 -16.11 0.57
CA THR C 106 -20.75 -16.95 0.60
C THR C 106 -21.22 -18.38 0.79
N VAL C 107 -20.31 -19.32 0.44
CA VAL C 107 -20.62 -20.74 0.62
C VAL C 107 -19.50 -21.35 1.46
N SER C 108 -19.88 -21.91 2.60
CA SER C 108 -18.88 -22.48 3.53
C SER C 108 -17.80 -21.45 3.84
N GLY C 109 -18.19 -20.18 3.97
CA GLY C 109 -17.38 -19.10 4.39
C GLY C 109 -16.67 -18.42 3.24
N GLN C 110 -16.76 -18.95 2.02
CA GLN C 110 -15.95 -18.45 0.90
C GLN C 110 -16.74 -17.54 -0.03
N HIS C 111 -16.15 -16.37 -0.36
CA HIS C 111 -16.74 -15.54 -1.39
C HIS C 111 -16.46 -16.08 -2.75
N PHE C 112 -17.37 -15.88 -3.67
CA PHE C 112 -17.07 -16.04 -5.11
C PHE C 112 -16.55 -14.71 -5.65
N ALA C 113 -16.09 -14.67 -6.92
CA ALA C 113 -15.59 -13.44 -7.46
C ALA C 113 -16.55 -12.31 -7.53
N ALA C 114 -17.80 -12.64 -7.90
CA ALA C 114 -18.82 -11.63 -8.07
C ALA C 114 -20.16 -12.32 -8.04
N GLU C 115 -21.23 -11.52 -8.04
CA GLU C 115 -22.55 -12.13 -7.99
C GLU C 115 -23.50 -11.25 -8.86
N LEU C 116 -24.37 -11.96 -9.64
CA LEU C 116 -25.39 -11.27 -10.42
C LEU C 116 -26.76 -11.44 -9.71
N HIS C 117 -27.53 -10.37 -9.67
CA HIS C 117 -28.91 -10.44 -9.08
C HIS C 117 -29.86 -10.06 -10.19
N ILE C 118 -30.89 -10.86 -10.36
CA ILE C 118 -32.02 -10.57 -11.30
C ILE C 118 -33.26 -10.33 -10.46
N VAL C 119 -33.71 -9.09 -10.38
CA VAL C 119 -34.66 -8.58 -9.37
C VAL C 119 -36.03 -8.63 -9.99
N HIS C 120 -36.98 -9.25 -9.28
CA HIS C 120 -38.43 -9.39 -9.73
C HIS C 120 -39.32 -8.87 -8.67
N TYR C 121 -40.56 -8.48 -9.06
CA TYR C 121 -41.52 -8.00 -8.07
C TYR C 121 -42.80 -8.83 -8.21
N ASN C 122 -43.61 -8.81 -7.15
CA ASN C 122 -44.87 -9.57 -7.20
C ASN C 122 -45.97 -8.77 -7.92
N SER C 123 -46.13 -9.13 -9.18
CA SER C 123 -47.01 -8.32 -10.04
C SER C 123 -48.45 -8.75 -9.88
N ASP C 124 -48.71 -9.88 -9.28
CA ASP C 124 -50.09 -10.26 -8.92
C ASP C 124 -50.65 -9.38 -7.83
N LEU C 125 -49.79 -8.87 -6.97
CA LEU C 125 -50.18 -8.07 -5.84
C LEU C 125 -49.96 -6.59 -6.05
N TYR C 126 -48.93 -6.27 -6.82
CA TYR C 126 -48.43 -4.89 -6.84
C TYR C 126 -48.20 -4.38 -8.24
N PRO C 127 -48.35 -3.03 -8.46
CA PRO C 127 -48.28 -2.55 -9.84
C PRO C 127 -46.88 -2.37 -10.40
N ASP C 128 -45.91 -2.21 -9.52
CA ASP C 128 -44.57 -1.97 -9.98
C ASP C 128 -43.60 -2.34 -8.86
N ALA C 129 -42.31 -2.29 -9.18
CA ALA C 129 -41.34 -2.80 -8.24
C ALA C 129 -41.10 -1.83 -7.07
N SER C 130 -41.21 -0.56 -7.36
CA SER C 130 -41.13 0.45 -6.33
C SER C 130 -42.21 0.26 -5.27
N THR C 131 -43.50 0.11 -5.67
CA THR C 131 -44.57 -0.14 -4.72
C THR C 131 -44.34 -1.45 -3.96
N ALA C 132 -43.87 -2.45 -4.70
CA ALA C 132 -43.73 -3.82 -4.14
C ALA C 132 -42.58 -3.87 -3.10
N SER C 133 -41.57 -2.98 -3.22
CA SER C 133 -40.30 -3.28 -2.53
C SER C 133 -40.42 -3.24 -1.03
N ASN C 134 -41.32 -2.45 -0.46
CA ASN C 134 -41.47 -2.43 0.99
C ASN C 134 -42.67 -3.16 1.45
N LYS C 135 -43.24 -4.07 0.65
CA LYS C 135 -44.46 -4.71 1.02
C LYS C 135 -44.35 -6.17 1.08
N SER C 136 -45.32 -6.80 1.75
CA SER C 136 -45.30 -8.19 2.00
C SER C 136 -45.18 -9.00 0.71
N GLU C 137 -44.27 -9.98 0.70
CA GLU C 137 -44.06 -10.84 -0.46
C GLU C 137 -43.79 -10.05 -1.68
N GLY C 138 -43.07 -8.94 -1.56
CA GLY C 138 -42.99 -7.96 -2.63
C GLY C 138 -42.03 -8.41 -3.72
N LEU C 139 -40.91 -9.11 -3.34
CA LEU C 139 -39.75 -9.25 -4.24
C LEU C 139 -39.27 -10.68 -4.28
N ALA C 140 -38.67 -11.05 -5.40
CA ALA C 140 -37.98 -12.35 -5.57
C ALA C 140 -36.72 -12.06 -6.31
N VAL C 141 -35.55 -12.47 -5.84
CA VAL C 141 -34.27 -12.18 -6.54
C VAL C 141 -33.68 -13.53 -6.88
N LEU C 142 -33.13 -13.65 -8.10
CA LEU C 142 -32.40 -14.78 -8.49
C LEU C 142 -30.91 -14.41 -8.37
N ALA C 143 -30.07 -15.20 -7.74
CA ALA C 143 -28.64 -14.85 -7.54
C ALA C 143 -27.80 -15.93 -8.19
N VAL C 144 -26.85 -15.42 -8.99
CA VAL C 144 -25.87 -16.29 -9.66
C VAL C 144 -24.46 -15.98 -9.17
N LEU C 145 -23.82 -16.99 -8.67
CA LEU C 145 -22.44 -16.87 -8.17
C LEU C 145 -21.51 -16.85 -9.41
N ILE C 146 -20.50 -16.02 -9.37
CA ILE C 146 -19.57 -15.85 -10.57
C ILE C 146 -18.17 -16.22 -10.12
N GLU C 147 -17.50 -17.15 -10.80
CA GLU C 147 -16.04 -17.39 -10.59
C GLU C 147 -15.25 -17.23 -11.87
N MET C 148 -13.96 -17.20 -11.72
CA MET C 148 -13.10 -17.02 -12.88
C MET C 148 -12.93 -18.28 -13.58
N GLY C 149 -12.95 -18.21 -14.93
CA GLY C 149 -12.60 -19.39 -15.75
C GLY C 149 -12.66 -18.95 -17.22
N SER C 150 -13.47 -19.67 -18.00
CA SER C 150 -13.68 -19.41 -19.46
C SER C 150 -14.31 -18.07 -19.76
N PHE C 151 -13.93 -17.42 -20.85
CA PHE C 151 -14.61 -16.22 -21.36
C PHE C 151 -16.08 -16.56 -21.54
N ASN C 152 -16.95 -15.62 -21.17
CA ASN C 152 -18.39 -15.84 -21.31
C ASN C 152 -19.03 -14.79 -22.24
N PRO C 153 -19.41 -15.22 -23.48
CA PRO C 153 -19.97 -14.35 -24.46
C PRO C 153 -21.24 -13.65 -24.00
N SER C 154 -22.04 -14.34 -23.14
CA SER C 154 -23.34 -13.84 -22.72
C SER C 154 -23.13 -12.67 -21.73
N TYR C 155 -22.17 -12.87 -20.78
CA TYR C 155 -21.84 -11.79 -19.84
C TYR C 155 -21.26 -10.61 -20.55
N ASP C 156 -20.58 -10.87 -21.67
CA ASP C 156 -19.99 -9.75 -22.44
C ASP C 156 -21.02 -8.88 -23.15
N LYS C 157 -22.28 -9.35 -23.21
CA LYS C 157 -23.36 -8.54 -23.78
C LYS C 157 -23.65 -7.36 -22.87
N ILE C 158 -23.29 -7.55 -21.58
CA ILE C 158 -23.29 -6.40 -20.65
C ILE C 158 -21.95 -5.70 -20.63
N PHE C 159 -20.92 -6.48 -20.39
CA PHE C 159 -19.64 -5.88 -20.03
C PHE C 159 -19.07 -4.99 -21.13
N SER C 160 -19.49 -5.29 -22.37
CA SER C 160 -18.98 -4.56 -23.55
C SER C 160 -19.51 -3.15 -23.66
N HIS C 161 -20.41 -2.77 -22.76
CA HIS C 161 -20.98 -1.41 -22.62
C HIS C 161 -20.53 -0.62 -21.48
N LEU C 162 -19.67 -1.25 -20.60
CA LEU C 162 -19.33 -0.57 -19.35
C LEU C 162 -18.64 0.77 -19.53
N GLN C 163 -17.85 0.90 -20.63
CA GLN C 163 -17.13 2.15 -20.77
C GLN C 163 -18.07 3.35 -21.19
N HIS C 164 -19.36 3.10 -21.46
CA HIS C 164 -20.31 4.15 -21.79
C HIS C 164 -21.04 4.63 -20.59
N VAL C 165 -20.87 3.92 -19.46
CA VAL C 165 -21.53 4.34 -18.23
C VAL C 165 -20.55 4.50 -17.08
N LYS C 166 -19.39 5.06 -17.38
CA LYS C 166 -18.38 5.12 -16.36
C LYS C 166 -18.68 5.92 -15.12
N TYR C 167 -19.51 6.93 -15.23
CA TYR C 167 -19.70 7.81 -14.12
C TYR C 167 -21.13 7.66 -13.60
N LYS C 168 -21.26 8.01 -12.30
CA LYS C 168 -22.54 7.95 -11.60
C LYS C 168 -23.53 8.80 -12.35
N GLY C 169 -24.66 8.21 -12.68
CA GLY C 169 -25.76 8.88 -13.32
C GLY C 169 -25.80 8.67 -14.78
N GLN C 170 -24.68 8.20 -15.36
CA GLN C 170 -24.69 7.93 -16.78
C GLN C 170 -25.50 6.74 -17.22
N GLU C 171 -26.02 6.83 -18.40
CA GLU C 171 -26.86 5.80 -19.07
C GLU C 171 -26.50 5.40 -20.48
N ALA C 172 -26.85 4.19 -20.88
CA ALA C 172 -26.66 3.70 -22.24
C ALA C 172 -27.62 2.58 -22.54
N PHE C 173 -27.89 2.32 -23.83
N PHE C 173 -27.96 2.44 -23.81
CA PHE C 173 -28.92 1.33 -24.31
CA PHE C 173 -28.72 1.29 -24.19
C PHE C 173 -28.38 -0.01 -24.91
C PHE C 173 -27.74 0.13 -24.47
N VAL C 174 -28.20 -1.03 -24.04
CA VAL C 174 -27.61 -2.33 -24.37
C VAL C 174 -28.68 -3.01 -25.24
N PRO C 175 -28.28 -3.60 -26.41
CA PRO C 175 -29.33 -4.35 -27.14
C PRO C 175 -29.78 -5.62 -26.39
N GLY C 176 -30.99 -6.07 -26.68
CA GLY C 176 -31.61 -7.28 -26.13
C GLY C 176 -30.74 -8.49 -26.40
N PHE C 177 -30.86 -9.46 -25.49
CA PHE C 177 -30.21 -10.80 -25.62
C PHE C 177 -31.03 -11.72 -24.65
N ASN C 178 -30.76 -13.03 -24.70
CA ASN C 178 -31.55 -13.97 -23.91
C ASN C 178 -30.90 -14.05 -22.49
N ILE C 179 -31.66 -13.45 -21.56
CA ILE C 179 -31.18 -13.28 -20.18
C ILE C 179 -30.93 -14.64 -19.59
N GLU C 180 -31.61 -15.67 -20.05
CA GLU C 180 -31.41 -17.03 -19.54
C GLU C 180 -30.01 -17.54 -19.79
N GLU C 181 -29.27 -16.90 -20.71
CA GLU C 181 -27.88 -17.35 -20.93
C GLU C 181 -26.96 -16.92 -19.76
N LEU C 182 -27.43 -16.00 -18.89
CA LEU C 182 -26.66 -15.57 -17.65
C LEU C 182 -26.75 -16.53 -16.50
N LEU C 183 -27.69 -17.48 -16.66
CA LEU C 183 -27.93 -18.47 -15.61
C LEU C 183 -26.96 -19.65 -15.75
N PRO C 184 -26.70 -20.35 -14.66
CA PRO C 184 -25.75 -21.43 -14.63
C PRO C 184 -26.38 -22.74 -15.06
N GLU C 185 -25.53 -23.75 -15.17
CA GLU C 185 -25.99 -25.09 -15.44
C GLU C 185 -26.87 -25.57 -14.26
N ARG C 186 -27.81 -26.44 -14.60
CA ARG C 186 -28.72 -27.05 -13.65
C ARG C 186 -29.37 -26.12 -12.67
N THR C 187 -30.09 -25.21 -13.27
CA THR C 187 -30.91 -24.29 -12.46
C THR C 187 -31.90 -24.96 -11.50
N ALA C 188 -32.25 -26.24 -11.74
CA ALA C 188 -33.06 -26.92 -10.75
C ALA C 188 -32.42 -27.06 -9.31
N GLU C 189 -31.12 -26.93 -9.24
CA GLU C 189 -30.34 -26.98 -8.01
C GLU C 189 -30.17 -25.56 -7.41
N TYR C 190 -30.81 -25.32 -6.27
CA TYR C 190 -30.68 -23.99 -5.70
C TYR C 190 -30.95 -24.02 -4.22
N TYR C 191 -30.48 -22.93 -3.54
CA TYR C 191 -30.82 -22.59 -2.18
C TYR C 191 -31.96 -21.60 -2.12
N ARG C 192 -32.83 -21.71 -1.12
CA ARG C 192 -34.00 -20.81 -0.97
C ARG C 192 -34.07 -20.33 0.47
N TYR C 193 -34.25 -19.01 0.66
CA TYR C 193 -34.58 -18.55 2.04
C TYR C 193 -35.29 -17.19 1.92
N ARG C 194 -35.97 -16.78 2.99
CA ARG C 194 -36.63 -15.48 2.99
C ARG C 194 -35.62 -14.50 3.58
N GLY C 195 -35.35 -13.41 2.89
CA GLY C 195 -34.43 -12.38 3.41
C GLY C 195 -34.79 -11.01 2.97
N SER C 196 -33.74 -10.23 2.67
CA SER C 196 -33.93 -8.80 2.42
C SER C 196 -33.23 -8.32 1.18
N LEU C 197 -33.54 -7.11 0.78
CA LEU C 197 -32.64 -6.38 -0.10
C LEU C 197 -31.26 -6.27 0.57
N THR C 198 -30.19 -6.40 -0.21
CA THR C 198 -28.84 -6.25 0.35
C THR C 198 -28.32 -4.83 0.24
N THR C 199 -29.15 -3.91 -0.26
CA THR C 199 -28.86 -2.46 -0.29
C THR C 199 -29.99 -1.75 0.36
N PRO C 200 -29.76 -0.49 0.78
CA PRO C 200 -30.89 0.31 1.28
C PRO C 200 -32.00 0.32 0.26
N PRO C 201 -33.23 0.27 0.73
CA PRO C 201 -33.68 0.34 2.13
C PRO C 201 -33.69 -0.96 2.96
N CYS C 202 -33.11 -2.00 2.37
CA CYS C 202 -32.95 -3.29 3.08
C CYS C 202 -34.22 -3.96 3.53
N ASN C 203 -35.32 -3.73 2.77
CA ASN C 203 -36.59 -4.29 3.20
C ASN C 203 -36.56 -5.80 3.25
N PRO C 204 -37.17 -6.37 4.28
CA PRO C 204 -37.13 -7.86 4.51
C PRO C 204 -38.24 -8.49 3.71
N THR C 205 -38.25 -8.25 2.43
CA THR C 205 -39.38 -8.60 1.56
C THR C 205 -38.92 -9.45 0.36
N VAL C 206 -37.71 -10.02 0.42
CA VAL C 206 -37.15 -10.78 -0.72
C VAL C 206 -37.19 -12.29 -0.54
N LEU C 207 -37.80 -13.02 -1.47
CA LEU C 207 -37.59 -14.45 -1.54
C LEU C 207 -36.34 -14.74 -2.35
N TRP C 208 -35.30 -15.23 -1.71
CA TRP C 208 -34.02 -15.49 -2.41
C TRP C 208 -33.93 -16.84 -3.01
N THR C 209 -33.45 -16.90 -4.24
CA THR C 209 -33.03 -18.16 -4.88
C THR C 209 -31.62 -18.02 -5.29
N VAL C 210 -30.73 -18.81 -4.65
CA VAL C 210 -29.30 -18.68 -5.01
C VAL C 210 -28.99 -19.98 -5.74
N PHE C 211 -28.57 -19.87 -7.02
CA PHE C 211 -28.30 -21.18 -7.66
C PHE C 211 -27.11 -21.88 -7.06
N ARG C 212 -27.18 -23.20 -6.95
CA ARG C 212 -26.04 -23.97 -6.44
C ARG C 212 -24.73 -23.79 -7.24
N ASN C 213 -24.86 -23.87 -8.58
CA ASN C 213 -23.64 -23.91 -9.45
C ASN C 213 -23.27 -22.50 -9.93
N PRO C 214 -21.96 -22.13 -9.89
CA PRO C 214 -21.55 -20.84 -10.35
C PRO C 214 -21.45 -20.75 -11.89
N VAL C 215 -21.45 -19.54 -12.45
CA VAL C 215 -21.00 -19.39 -13.84
C VAL C 215 -19.52 -18.90 -13.82
N GLN C 216 -18.89 -18.94 -15.01
CA GLN C 216 -17.49 -18.52 -15.22
C GLN C 216 -17.44 -17.36 -16.17
N ILE C 217 -16.61 -16.39 -15.83
CA ILE C 217 -16.17 -15.29 -16.64
C ILE C 217 -14.61 -15.31 -16.66
N SER C 218 -14.04 -14.77 -17.75
CA SER C 218 -12.55 -14.84 -17.87
C SER C 218 -11.97 -13.86 -16.84
N GLN C 219 -10.70 -14.09 -16.45
CA GLN C 219 -9.96 -13.01 -15.80
C GLN C 219 -10.09 -11.63 -16.41
N GLU C 220 -10.04 -11.49 -17.75
CA GLU C 220 -10.13 -10.17 -18.32
C GLU C 220 -11.49 -9.55 -18.14
N GLN C 221 -12.55 -10.38 -18.26
CA GLN C 221 -13.94 -9.88 -18.01
C GLN C 221 -14.11 -9.43 -16.55
N LEU C 222 -13.58 -10.25 -15.64
CA LEU C 222 -13.57 -9.85 -14.17
C LEU C 222 -12.85 -8.54 -13.86
N LEU C 223 -11.59 -8.40 -14.39
CA LEU C 223 -10.84 -7.13 -14.34
C LEU C 223 -11.52 -5.92 -14.90
N ALA C 224 -12.15 -6.14 -16.06
CA ALA C 224 -12.94 -5.12 -16.73
C ALA C 224 -14.07 -4.61 -15.85
N LEU C 225 -14.81 -5.61 -15.28
CA LEU C 225 -15.91 -5.20 -14.40
C LEU C 225 -15.40 -4.43 -13.21
N GLU C 226 -14.27 -4.93 -12.62
CA GLU C 226 -13.74 -4.26 -11.41
C GLU C 226 -13.12 -2.89 -11.59
N THR C 227 -12.81 -2.57 -12.86
CA THR C 227 -11.96 -1.36 -13.12
C THR C 227 -12.66 -0.34 -14.05
N ALA C 228 -13.87 -0.67 -14.49
CA ALA C 228 -14.52 0.13 -15.54
C ALA C 228 -15.23 1.36 -14.98
N LEU C 229 -15.78 1.29 -13.75
CA LEU C 229 -16.70 2.31 -13.27
C LEU C 229 -16.27 3.07 -12.09
N TYR C 230 -16.69 4.30 -12.06
CA TYR C 230 -16.55 5.08 -10.90
C TYR C 230 -17.90 5.17 -10.24
N CYS C 231 -17.85 5.46 -8.95
N CYS C 231 -17.89 5.46 -8.95
CA CYS C 231 -19.03 5.66 -8.16
CA CYS C 231 -19.12 5.72 -8.27
C CYS C 231 -19.32 7.17 -7.96
C CYS C 231 -19.58 7.13 -8.50
N THR C 232 -18.59 8.03 -8.65
CA THR C 232 -18.78 9.49 -8.56
C THR C 232 -19.28 10.09 -9.92
N HIS C 233 -19.81 11.33 -9.88
CA HIS C 233 -20.27 12.03 -11.16
C HIS C 233 -19.08 12.46 -11.95
N MET C 234 -19.26 12.52 -13.26
CA MET C 234 -18.18 12.91 -14.18
C MET C 234 -17.47 14.23 -13.75
N ASP C 235 -18.27 15.23 -13.43
CA ASP C 235 -17.80 16.49 -12.86
C ASP C 235 -16.83 16.41 -11.66
N ASP C 236 -16.99 15.44 -10.75
CA ASP C 236 -16.23 15.30 -9.48
C ASP C 236 -14.66 15.31 -9.59
N PRO C 237 -13.97 16.35 -9.00
CA PRO C 237 -12.48 16.40 -9.06
C PRO C 237 -11.78 15.36 -8.12
N SER C 238 -12.57 14.65 -7.31
CA SER C 238 -12.03 13.54 -6.51
C SER C 238 -12.74 12.24 -6.83
N PRO C 239 -12.47 11.65 -8.01
CA PRO C 239 -13.23 10.47 -8.41
C PRO C 239 -12.92 9.26 -7.52
N ARG C 240 -13.91 8.38 -7.39
CA ARG C 240 -13.68 7.15 -6.64
C ARG C 240 -14.14 5.96 -7.48
N GLU C 241 -13.31 4.90 -7.46
CA GLU C 241 -13.63 3.65 -8.17
C GLU C 241 -14.90 2.97 -7.56
N MET C 242 -15.76 2.48 -8.42
CA MET C 242 -16.87 1.52 -8.01
C MET C 242 -16.27 0.09 -7.87
N ILE C 243 -15.89 -0.22 -6.64
CA ILE C 243 -15.28 -1.48 -6.23
C ILE C 243 -15.89 -1.89 -4.88
N ASN C 244 -15.77 -3.21 -4.62
CA ASN C 244 -16.19 -3.70 -3.25
C ASN C 244 -17.62 -3.31 -2.93
N ASN C 245 -18.47 -3.45 -3.96
CA ASN C 245 -19.91 -2.97 -3.82
C ASN C 245 -20.82 -4.12 -3.42
N PHE C 246 -20.44 -4.80 -2.32
CA PHE C 246 -21.19 -5.96 -1.78
C PHE C 246 -21.31 -5.68 -0.33
N ARG C 247 -22.38 -6.17 0.26
CA ARG C 247 -22.56 -6.11 1.73
C ARG C 247 -21.90 -7.26 2.43
N GLN C 248 -21.35 -7.04 3.62
CA GLN C 248 -20.87 -8.16 4.43
C GLN C 248 -21.99 -9.12 4.83
N VAL C 249 -21.67 -10.39 5.05
CA VAL C 249 -22.71 -11.32 5.46
C VAL C 249 -23.29 -10.96 6.82
N GLN C 250 -24.53 -11.30 7.01
CA GLN C 250 -25.27 -10.98 8.22
C GLN C 250 -25.38 -12.21 9.10
N LYS C 251 -25.59 -11.97 10.42
CA LYS C 251 -25.90 -13.11 11.29
C LYS C 251 -27.22 -13.75 10.82
N PHE C 252 -27.30 -15.07 11.00
CA PHE C 252 -28.47 -15.83 10.58
C PHE C 252 -28.56 -16.96 11.59
N ASP C 253 -29.30 -16.72 12.63
CA ASP C 253 -29.31 -17.62 13.78
C ASP C 253 -30.62 -18.31 13.97
N GLU C 254 -30.51 -19.61 14.28
N GLU C 254 -30.55 -19.57 14.33
CA GLU C 254 -31.61 -20.52 14.47
CA GLU C 254 -31.74 -20.36 14.52
C GLU C 254 -32.57 -20.59 13.27
C GLU C 254 -32.64 -20.29 13.28
N ARG C 255 -32.00 -20.34 12.10
CA ARG C 255 -32.77 -20.41 10.84
C ARG C 255 -32.12 -21.42 9.86
N LEU C 256 -32.96 -21.88 8.90
CA LEU C 256 -32.53 -22.84 7.91
C LEU C 256 -32.49 -22.15 6.47
N VAL C 257 -31.61 -22.70 5.65
CA VAL C 257 -31.70 -22.43 4.23
C VAL C 257 -32.18 -23.71 3.58
N TYR C 258 -33.21 -23.62 2.78
CA TYR C 258 -33.81 -24.87 2.20
C TYR C 258 -33.14 -25.11 0.86
N THR C 259 -32.93 -26.38 0.52
CA THR C 259 -32.28 -26.65 -0.70
C THR C 259 -33.16 -27.57 -1.61
N SER C 260 -33.02 -27.41 -2.95
CA SER C 260 -33.84 -28.22 -3.86
C SER C 260 -33.13 -29.52 -4.10
N PHE C 261 -31.92 -29.64 -3.60
CA PHE C 261 -31.06 -30.77 -3.85
C PHE C 261 -30.82 -31.45 -2.56
N SER C 262 -30.72 -32.76 -2.65
CA SER C 262 -30.04 -33.38 -1.52
C SER C 262 -28.92 -34.09 -2.20
N GLN C 263 -27.71 -34.11 -1.64
CA GLN C 263 -26.59 -34.64 -2.42
C GLN C 263 -26.32 -33.51 -3.46
N LYS D 3 -27.42 0.85 25.78
CA LYS D 3 -28.07 -0.46 25.80
C LYS D 3 -27.71 -1.31 24.55
N TRP D 4 -26.49 -1.11 23.93
CA TRP D 4 -26.14 -1.85 22.70
C TRP D 4 -26.12 -3.35 23.05
N THR D 5 -26.39 -4.12 22.03
CA THR D 5 -26.45 -5.59 22.12
C THR D 5 -25.85 -6.21 20.84
N TYR D 6 -25.87 -7.55 20.72
CA TYR D 6 -25.56 -8.25 19.54
C TYR D 6 -26.68 -8.83 18.77
N PHE D 7 -27.90 -8.52 19.23
CA PHE D 7 -29.09 -9.17 18.65
C PHE D 7 -30.29 -8.24 18.74
N GLY D 8 -31.01 -8.07 17.61
CA GLY D 8 -32.26 -7.28 17.63
C GLY D 8 -32.00 -5.81 17.36
N PRO D 9 -32.92 -4.90 17.65
N PRO D 9 -32.95 -4.98 17.87
CA PRO D 9 -32.78 -3.48 17.16
CA PRO D 9 -32.99 -3.64 17.41
C PRO D 9 -31.63 -2.62 17.74
C PRO D 9 -31.74 -2.86 17.64
N ASP D 10 -30.98 -3.12 18.77
CA ASP D 10 -29.82 -2.46 19.25
C ASP D 10 -28.52 -3.22 18.89
N GLY D 11 -28.65 -4.11 17.93
CA GLY D 11 -27.52 -4.98 17.49
C GLY D 11 -26.64 -4.23 16.49
N GLU D 12 -25.66 -4.95 15.99
CA GLU D 12 -24.49 -4.32 15.39
C GLU D 12 -24.69 -3.45 14.21
N ASN D 13 -25.77 -3.64 13.46
CA ASN D 13 -25.98 -2.76 12.30
C ASN D 13 -26.57 -1.43 12.80
N SER D 14 -26.97 -1.35 14.09
CA SER D 14 -27.49 -0.09 14.63
C SER D 14 -26.51 0.58 15.54
N TRP D 15 -25.33 0.01 15.86
CA TRP D 15 -24.43 0.71 16.78
C TRP D 15 -24.03 2.08 16.31
N SER D 16 -23.86 2.28 15.00
CA SER D 16 -23.40 3.59 14.45
C SER D 16 -24.44 4.68 14.77
N LYS D 17 -25.68 4.31 15.11
CA LYS D 17 -26.71 5.38 15.39
C LYS D 17 -26.30 6.14 16.63
N LYS D 18 -25.63 5.51 17.59
CA LYS D 18 -25.19 6.14 18.89
C LYS D 18 -23.67 6.31 18.97
N TYR D 19 -22.94 5.55 18.18
CA TYR D 19 -21.47 5.46 18.39
C TYR D 19 -20.92 5.65 16.98
N PRO D 20 -20.63 6.91 16.54
CA PRO D 20 -20.33 7.14 15.14
C PRO D 20 -19.08 6.42 14.63
N SER D 21 -18.12 6.15 15.53
CA SER D 21 -16.94 5.46 14.93
C SER D 21 -17.29 4.04 14.50
N CYS D 22 -18.40 3.43 14.95
CA CYS D 22 -18.74 2.07 14.52
C CYS D 22 -19.15 2.12 13.06
N GLY D 23 -19.48 3.30 12.47
CA GLY D 23 -19.69 3.48 11.02
C GLY D 23 -18.52 4.13 10.32
N GLY D 24 -17.40 4.28 10.98
CA GLY D 24 -16.17 4.97 10.38
C GLY D 24 -15.24 3.95 9.77
N LEU D 25 -14.06 4.39 9.50
CA LEU D 25 -13.07 3.58 8.80
C LEU D 25 -12.34 2.68 9.83
N LEU D 26 -11.57 1.76 9.23
CA LEU D 26 -10.59 0.89 9.97
C LEU D 26 -11.18 0.07 11.09
N GLN D 27 -12.31 -0.53 10.77
CA GLN D 27 -13.02 -1.33 11.82
C GLN D 27 -12.52 -2.78 11.91
N SER D 28 -12.71 -3.32 13.09
CA SER D 28 -12.37 -4.74 13.35
C SER D 28 -13.64 -5.47 13.79
N PRO D 29 -13.73 -6.77 13.72
CA PRO D 29 -12.65 -7.66 13.21
C PRO D 29 -12.68 -7.79 11.69
N ILE D 30 -11.76 -8.61 11.18
CA ILE D 30 -11.63 -8.81 9.73
C ILE D 30 -11.35 -10.28 9.50
N ASP D 31 -11.56 -10.66 8.21
CA ASP D 31 -11.21 -12.00 7.77
C ASP D 31 -9.77 -12.02 7.28
N LEU D 32 -9.04 -12.99 7.80
CA LEU D 32 -7.59 -13.06 7.48
C LEU D 32 -7.51 -14.06 6.33
N HIS D 33 -7.20 -13.57 5.13
CA HIS D 33 -7.14 -14.50 4.01
C HIS D 33 -6.01 -14.05 3.06
N SER D 34 -5.57 -15.03 2.24
CA SER D 34 -4.27 -14.89 1.50
C SER D 34 -4.14 -13.62 0.69
N ASP D 35 -5.16 -13.15 -0.07
CA ASP D 35 -4.96 -11.98 -0.89
C ASP D 35 -4.59 -10.74 -0.19
N ILE D 36 -4.91 -10.65 1.14
CA ILE D 36 -4.63 -9.39 1.82
C ILE D 36 -3.48 -9.47 2.79
N LEU D 37 -2.79 -10.63 2.79
CA LEU D 37 -1.63 -10.86 3.72
C LEU D 37 -0.35 -10.46 3.03
N GLN D 38 0.51 -9.84 3.81
CA GLN D 38 1.84 -9.49 3.26
C GLN D 38 2.90 -9.70 4.33
N TYR D 39 4.00 -10.45 4.07
CA TYR D 39 5.07 -10.69 5.06
C TYR D 39 5.79 -9.33 5.31
N ASP D 40 6.11 -9.05 6.57
CA ASP D 40 6.87 -7.85 6.95
C ASP D 40 7.89 -8.29 7.90
N ALA D 41 9.16 -8.13 7.41
CA ALA D 41 10.29 -8.49 8.27
C ALA D 41 10.55 -7.57 9.49
N SER D 42 9.77 -6.47 9.58
CA SER D 42 9.84 -5.57 10.73
C SER D 42 9.14 -6.15 11.96
N LEU D 43 8.35 -7.23 11.73
CA LEU D 43 7.47 -7.76 12.76
C LEU D 43 8.23 -8.77 13.53
N THR D 44 8.96 -8.20 14.54
CA THR D 44 9.81 -8.97 15.42
C THR D 44 9.03 -9.55 16.63
N PRO D 45 9.62 -10.46 17.41
CA PRO D 45 8.81 -11.15 18.45
C PRO D 45 8.48 -10.25 19.61
N LEU D 46 7.24 -10.31 20.07
CA LEU D 46 6.83 -9.57 21.25
C LEU D 46 7.40 -10.25 22.47
N GLU D 47 7.66 -9.42 23.48
CA GLU D 47 7.99 -9.97 24.75
C GLU D 47 6.84 -9.65 25.78
N PHE D 48 6.51 -10.66 26.53
CA PHE D 48 5.40 -10.60 27.51
C PHE D 48 6.03 -10.43 28.86
N GLN D 49 5.87 -9.27 29.49
CA GLN D 49 6.54 -8.99 30.77
C GLN D 49 5.51 -8.89 31.85
N GLY D 50 5.80 -9.52 32.99
CA GLY D 50 4.93 -9.41 34.11
C GLY D 50 3.61 -10.19 33.93
N TYR D 51 3.63 -11.13 32.99
CA TYR D 51 2.39 -11.96 32.76
C TYR D 51 2.20 -13.05 33.82
N ASN D 52 3.28 -13.36 34.62
CA ASN D 52 3.19 -14.43 35.56
C ASN D 52 2.68 -13.88 36.85
N LEU D 53 1.38 -13.83 37.00
CA LEU D 53 0.73 -13.18 38.18
C LEU D 53 0.81 -14.13 39.41
N SER D 54 1.05 -13.55 40.54
CA SER D 54 1.25 -14.39 41.73
C SER D 54 -0.09 -15.07 42.11
N ALA D 55 0.06 -16.35 42.43
CA ALA D 55 -1.11 -17.19 42.92
C ALA D 55 -1.60 -16.69 44.28
N ASN D 56 -0.83 -15.86 45.00
CA ASN D 56 -1.27 -15.22 46.21
C ASN D 56 -1.91 -13.85 46.12
N LYS D 57 -1.98 -13.34 44.90
CA LYS D 57 -2.71 -12.13 44.67
C LYS D 57 -4.01 -12.51 43.91
N GLN D 58 -4.93 -11.54 43.90
CA GLN D 58 -6.23 -11.91 43.28
C GLN D 58 -6.63 -10.74 42.39
N PHE D 59 -7.38 -11.09 41.34
CA PHE D 59 -7.74 -10.19 40.20
C PHE D 59 -9.20 -10.27 39.97
N LEU D 60 -9.81 -9.12 39.73
CA LEU D 60 -11.26 -8.99 39.61
C LEU D 60 -11.82 -9.45 38.30
N LEU D 61 -12.75 -10.37 38.38
CA LEU D 61 -13.56 -10.85 37.25
C LEU D 61 -14.93 -10.21 37.31
N THR D 62 -15.40 -9.67 36.20
CA THR D 62 -16.67 -8.90 36.21
C THR D 62 -17.46 -9.31 34.97
N ASN D 63 -18.75 -9.47 35.12
CA ASN D 63 -19.69 -9.48 33.97
C ASN D 63 -20.10 -8.06 33.66
N ASN D 64 -19.71 -7.52 32.52
CA ASN D 64 -19.99 -6.09 32.22
C ASN D 64 -21.26 -5.90 31.40
N GLY D 65 -22.02 -7.01 31.27
CA GLY D 65 -23.22 -6.99 30.41
C GLY D 65 -22.97 -7.36 28.95
N HIS D 66 -21.67 -7.47 28.57
CA HIS D 66 -21.34 -7.73 27.16
C HIS D 66 -20.35 -8.88 26.97
N SER D 67 -19.51 -9.09 28.01
CA SER D 67 -18.57 -10.21 28.04
C SER D 67 -18.25 -10.45 29.51
N VAL D 68 -17.31 -11.34 29.72
CA VAL D 68 -16.72 -11.53 31.08
C VAL D 68 -15.29 -11.02 30.95
N LYS D 69 -14.91 -10.17 31.91
CA LYS D 69 -13.56 -9.52 31.85
C LYS D 69 -12.80 -9.76 33.13
N LEU D 70 -11.51 -9.97 33.00
CA LEU D 70 -10.58 -10.10 34.12
C LEU D 70 -9.73 -8.88 34.11
N ASN D 71 -9.71 -8.14 35.21
CA ASN D 71 -8.79 -6.96 35.33
C ASN D 71 -7.37 -7.44 35.50
N LEU D 72 -6.48 -6.71 34.86
CA LEU D 72 -5.07 -7.02 34.91
C LEU D 72 -4.21 -5.84 35.42
N PRO D 73 -3.07 -6.12 36.05
CA PRO D 73 -2.23 -5.04 36.64
C PRO D 73 -1.41 -4.27 35.60
N SER D 74 -1.20 -2.97 35.77
CA SER D 74 -0.42 -2.23 34.79
C SER D 74 1.06 -2.59 34.80
N ASP D 75 1.58 -3.32 35.80
CA ASP D 75 2.92 -3.78 35.70
C ASP D 75 3.12 -4.85 34.64
N MET D 76 2.03 -5.47 34.19
CA MET D 76 2.09 -6.47 33.10
C MET D 76 2.06 -5.65 31.77
N HIS D 77 3.02 -5.99 30.89
CA HIS D 77 3.17 -5.20 29.66
C HIS D 77 3.74 -5.95 28.51
N ILE D 78 3.57 -5.39 27.31
CA ILE D 78 4.24 -5.93 26.14
C ILE D 78 5.41 -4.99 25.77
N GLN D 79 6.46 -5.62 25.30
CA GLN D 79 7.56 -4.91 24.64
C GLN D 79 7.76 -5.33 23.22
N GLY D 80 8.13 -4.37 22.37
CA GLY D 80 8.33 -4.73 21.00
C GLY D 80 7.62 -3.81 20.09
N LEU D 81 6.59 -3.09 20.56
CA LEU D 81 5.87 -2.24 19.65
C LEU D 81 6.51 -0.83 19.71
N GLN D 82 5.88 0.14 19.08
CA GLN D 82 6.51 1.50 19.00
C GLN D 82 6.56 2.22 20.33
N SER D 83 5.79 1.74 21.31
CA SER D 83 5.70 2.36 22.69
C SER D 83 5.46 1.16 23.66
N ARG D 84 5.64 1.30 24.97
N ARG D 84 5.64 1.30 24.98
CA ARG D 84 5.23 0.31 25.96
CA ARG D 84 5.22 0.28 25.94
C ARG D 84 3.70 0.36 26.05
C ARG D 84 3.70 0.34 26.05
N TYR D 85 3.11 -0.84 25.95
CA TYR D 85 1.66 -0.99 26.22
C TYR D 85 1.53 -1.81 27.47
N SER D 86 0.71 -1.32 28.40
CA SER D 86 0.51 -1.99 29.70
C SER D 86 -0.92 -2.64 29.74
N ALA D 87 -0.95 -3.80 30.35
CA ALA D 87 -2.26 -4.50 30.40
C ALA D 87 -3.30 -3.79 31.16
N THR D 88 -4.54 -3.97 30.76
CA THR D 88 -5.71 -3.41 31.49
C THR D 88 -6.71 -4.54 31.81
N GLN D 89 -7.05 -5.42 30.86
CA GLN D 89 -8.07 -6.45 31.13
C GLN D 89 -8.00 -7.46 29.99
N LEU D 90 -8.50 -8.66 30.27
CA LEU D 90 -8.79 -9.60 29.17
C LEU D 90 -10.26 -10.02 29.24
N HIS D 91 -10.74 -10.49 28.09
CA HIS D 91 -12.15 -10.88 28.01
C HIS D 91 -12.26 -11.78 26.78
N LEU D 92 -13.48 -12.33 26.58
CA LEU D 92 -13.71 -13.32 25.52
C LEU D 92 -14.97 -13.01 24.69
N HIS D 93 -14.98 -13.64 23.54
CA HIS D 93 -16.17 -13.59 22.61
C HIS D 93 -16.50 -15.01 22.21
N TRP D 94 -17.79 -15.37 22.10
CA TRP D 94 -18.18 -16.79 21.78
C TRP D 94 -19.52 -16.76 21.09
N GLY D 95 -19.92 -17.98 20.76
CA GLY D 95 -21.18 -18.28 20.00
C GLY D 95 -22.30 -18.76 20.94
N ASN D 96 -22.81 -19.97 20.64
CA ASN D 96 -23.89 -20.48 21.49
C ASN D 96 -23.88 -21.97 21.29
N PRO D 97 -24.66 -22.69 22.17
CA PRO D 97 -24.55 -24.16 22.14
C PRO D 97 -24.89 -24.76 20.81
N ASN D 98 -25.74 -24.13 20.02
CA ASN D 98 -26.13 -24.64 18.73
C ASN D 98 -25.23 -24.15 17.59
N ASP D 99 -24.34 -23.18 17.86
CA ASP D 99 -23.43 -22.76 16.85
C ASP D 99 -22.13 -22.28 17.58
N PRO D 100 -21.24 -23.20 17.95
CA PRO D 100 -20.06 -22.87 18.80
C PRO D 100 -18.99 -22.34 17.83
N HIS D 101 -19.26 -21.22 17.13
CA HIS D 101 -18.37 -20.63 16.10
C HIS D 101 -18.39 -19.13 16.23
N GLY D 102 -17.96 -18.63 17.37
CA GLY D 102 -18.11 -17.24 17.74
C GLY D 102 -16.83 -16.45 17.83
N SER D 103 -15.73 -16.90 17.21
CA SER D 103 -14.61 -15.96 17.16
C SER D 103 -14.95 -14.72 16.37
N GLU D 104 -14.23 -13.62 16.64
CA GLU D 104 -14.43 -12.40 15.92
C GLU D 104 -13.68 -12.41 14.61
N HIS D 105 -12.36 -12.51 14.69
CA HIS D 105 -11.56 -12.73 13.48
C HIS D 105 -11.87 -14.08 12.93
N THR D 106 -11.81 -14.15 11.60
CA THR D 106 -11.96 -15.47 10.84
C THR D 106 -10.69 -15.70 10.02
N VAL D 107 -10.47 -16.99 9.68
CA VAL D 107 -9.27 -17.30 8.87
C VAL D 107 -9.79 -17.98 7.66
N SER D 108 -9.50 -17.39 6.50
CA SER D 108 -9.98 -17.96 5.20
C SER D 108 -11.44 -18.29 5.29
N GLY D 109 -12.18 -17.33 5.82
CA GLY D 109 -13.64 -17.37 5.98
C GLY D 109 -14.26 -18.25 7.07
N GLN D 110 -13.47 -18.89 7.90
N GLN D 110 -13.42 -18.77 7.93
CA GLN D 110 -14.00 -19.82 8.92
CA GLN D 110 -13.83 -19.71 8.94
C GLN D 110 -13.80 -19.18 10.30
C GLN D 110 -13.76 -19.12 10.34
N HIS D 111 -14.85 -19.27 11.10
CA HIS D 111 -14.78 -18.93 12.52
C HIS D 111 -14.14 -20.00 13.29
N PHE D 112 -13.43 -19.63 14.34
CA PHE D 112 -13.01 -20.55 15.39
C PHE D 112 -14.15 -20.52 16.44
N ALA D 113 -14.04 -21.37 17.48
CA ALA D 113 -15.12 -21.49 18.44
C ALA D 113 -15.27 -20.20 19.26
N ALA D 114 -14.15 -19.58 19.66
CA ALA D 114 -14.24 -18.41 20.54
C ALA D 114 -12.90 -17.65 20.34
N GLU D 115 -12.77 -16.54 21.08
CA GLU D 115 -11.55 -15.66 20.91
C GLU D 115 -11.31 -14.96 22.24
N LEU D 116 -10.05 -14.93 22.64
CA LEU D 116 -9.57 -14.15 23.81
C LEU D 116 -8.89 -12.92 23.33
N HIS D 117 -9.26 -11.81 23.99
CA HIS D 117 -8.57 -10.51 23.78
C HIS D 117 -7.91 -10.08 25.08
N ILE D 118 -6.61 -9.83 24.96
CA ILE D 118 -5.86 -9.23 26.11
C ILE D 118 -5.57 -7.81 25.76
N VAL D 119 -6.26 -6.87 26.43
CA VAL D 119 -6.26 -5.45 26.07
C VAL D 119 -5.14 -4.76 26.88
N HIS D 120 -4.39 -3.95 26.12
CA HIS D 120 -3.32 -3.09 26.69
C HIS D 120 -3.48 -1.70 26.16
N TYR D 121 -2.95 -0.75 26.98
CA TYR D 121 -3.05 0.67 26.59
C TYR D 121 -1.62 1.27 26.54
N ASN D 122 -1.52 2.36 25.77
CA ASN D 122 -0.23 3.10 25.58
C ASN D 122 0.09 3.89 26.82
N SER D 123 0.89 3.28 27.67
CA SER D 123 1.23 3.93 28.97
C SER D 123 2.35 4.94 28.79
N ASP D 124 3.00 4.99 27.66
CA ASP D 124 4.04 6.06 27.41
C ASP D 124 3.26 7.37 27.12
N LEU D 125 2.08 7.29 26.56
CA LEU D 125 1.31 8.46 26.15
C LEU D 125 0.19 8.80 27.14
N TYR D 126 -0.46 7.82 27.79
CA TYR D 126 -1.75 8.05 28.44
C TYR D 126 -1.71 7.48 29.84
N PRO D 127 -2.48 8.09 30.77
CA PRO D 127 -2.31 7.71 32.18
C PRO D 127 -3.13 6.53 32.52
N ASP D 128 -4.06 6.14 31.66
CA ASP D 128 -4.89 5.03 31.92
C ASP D 128 -5.67 4.54 30.70
N ALA D 129 -6.26 3.35 30.70
CA ALA D 129 -6.83 2.76 29.52
C ALA D 129 -8.07 3.51 28.99
N SER D 130 -8.92 4.02 29.90
N SER D 130 -8.90 4.01 29.92
CA SER D 130 -10.10 4.73 29.43
CA SER D 130 -10.08 4.76 29.51
C SER D 130 -9.69 6.04 28.72
C SER D 130 -9.68 6.03 28.73
N THR D 131 -8.71 6.76 29.25
CA THR D 131 -8.20 7.96 28.56
C THR D 131 -7.59 7.58 27.20
N ALA D 132 -6.89 6.46 27.16
CA ALA D 132 -6.22 6.06 25.93
C ALA D 132 -7.14 5.60 24.80
N SER D 133 -8.34 5.13 25.23
CA SER D 133 -9.18 4.36 24.36
C SER D 133 -9.69 5.07 23.10
N ASN D 134 -9.88 6.42 23.16
CA ASN D 134 -10.28 7.18 22.03
C ASN D 134 -9.22 8.10 21.44
N LYS D 135 -7.99 7.74 21.73
CA LYS D 135 -6.85 8.61 21.31
C LYS D 135 -5.85 7.85 20.47
N SER D 136 -5.06 8.68 19.73
CA SER D 136 -4.09 8.12 18.79
C SER D 136 -3.15 7.10 19.43
N GLU D 137 -2.95 5.98 18.73
CA GLU D 137 -2.09 4.95 19.24
C GLU D 137 -2.42 4.40 20.64
N GLY D 138 -3.70 4.50 21.02
CA GLY D 138 -4.05 4.32 22.37
C GLY D 138 -3.98 2.88 22.87
N LEU D 139 -4.32 1.91 22.02
CA LEU D 139 -4.53 0.49 22.55
C LEU D 139 -3.78 -0.53 21.67
N ALA D 140 -3.43 -1.65 22.30
CA ALA D 140 -2.90 -2.77 21.55
C ALA D 140 -3.61 -3.96 22.15
N VAL D 141 -4.22 -4.77 21.28
CA VAL D 141 -4.90 -5.97 21.72
C VAL D 141 -4.21 -7.20 21.21
N LEU D 142 -4.04 -8.19 22.06
CA LEU D 142 -3.56 -9.52 21.58
C LEU D 142 -4.80 -10.42 21.46
N ALA D 143 -4.92 -11.07 20.30
CA ALA D 143 -6.06 -11.99 20.06
C ALA D 143 -5.54 -13.40 19.91
N VAL D 144 -6.21 -14.26 20.69
CA VAL D 144 -5.92 -15.72 20.63
C VAL D 144 -7.19 -16.39 20.13
N LEU D 145 -7.09 -17.07 18.97
CA LEU D 145 -8.20 -17.86 18.41
C LEU D 145 -8.32 -19.16 19.17
N ILE D 146 -9.54 -19.54 19.53
CA ILE D 146 -9.79 -20.68 20.37
C ILE D 146 -10.60 -21.72 19.61
N GLU D 147 -10.03 -22.93 19.52
N GLU D 147 -10.09 -22.94 19.48
CA GLU D 147 -10.61 -24.09 18.85
CA GLU D 147 -10.78 -23.99 18.69
C GLU D 147 -11.27 -25.05 19.85
C GLU D 147 -11.20 -25.05 19.66
N MET D 148 -12.38 -25.69 19.45
CA MET D 148 -12.88 -26.82 20.22
C MET D 148 -11.91 -27.97 20.12
N GLY D 149 -11.46 -28.43 21.29
CA GLY D 149 -10.39 -29.43 21.34
C GLY D 149 -10.31 -30.04 22.73
N SER D 150 -9.07 -30.14 23.23
CA SER D 150 -8.78 -30.70 24.58
C SER D 150 -9.10 -29.72 25.67
N PHE D 151 -9.48 -30.27 26.84
CA PHE D 151 -9.64 -29.48 28.04
C PHE D 151 -8.37 -28.68 28.33
N ASN D 152 -8.54 -27.42 28.73
CA ASN D 152 -7.44 -26.52 28.90
C ASN D 152 -7.44 -26.06 30.36
N PRO D 153 -6.50 -26.61 31.20
CA PRO D 153 -6.54 -26.26 32.63
C PRO D 153 -6.25 -24.77 32.90
N SER D 154 -5.53 -24.13 32.00
CA SER D 154 -5.18 -22.73 32.26
C SER D 154 -6.41 -21.85 31.99
N TYR D 155 -7.13 -22.09 30.85
CA TYR D 155 -8.36 -21.30 30.65
C TYR D 155 -9.39 -21.66 31.70
N ASP D 156 -9.35 -22.89 32.28
CA ASP D 156 -10.28 -23.19 33.31
C ASP D 156 -10.07 -22.35 34.65
N LYS D 157 -8.86 -21.80 34.79
CA LYS D 157 -8.62 -20.90 35.97
C LYS D 157 -9.54 -19.68 35.85
N ILE D 158 -10.03 -19.33 34.65
CA ILE D 158 -11.05 -18.25 34.51
C ILE D 158 -12.41 -18.93 34.60
N PHE D 159 -12.61 -20.02 33.80
CA PHE D 159 -13.98 -20.48 33.62
C PHE D 159 -14.58 -21.11 34.87
N SER D 160 -13.76 -21.58 35.81
CA SER D 160 -14.35 -22.11 37.05
C SER D 160 -15.03 -21.10 37.88
N HIS D 161 -14.87 -19.79 37.62
CA HIS D 161 -15.51 -18.72 38.33
C HIS D 161 -16.73 -18.21 37.63
N LEU D 162 -17.16 -18.77 36.46
CA LEU D 162 -18.26 -18.09 35.71
C LEU D 162 -19.54 -18.15 36.51
N GLN D 163 -19.73 -19.23 37.28
N GLN D 163 -19.74 -19.21 37.31
CA GLN D 163 -20.98 -19.31 38.03
CA GLN D 163 -20.94 -19.33 38.20
C GLN D 163 -21.11 -18.37 39.24
C GLN D 163 -21.18 -18.15 39.17
N HIS D 164 -20.12 -17.48 39.50
CA HIS D 164 -20.19 -16.37 40.41
C HIS D 164 -20.32 -15.02 39.79
N VAL D 165 -20.37 -14.97 38.44
CA VAL D 165 -20.55 -13.69 37.75
C VAL D 165 -21.66 -13.83 36.70
N LYS D 166 -22.72 -14.59 37.02
CA LYS D 166 -23.75 -14.89 36.07
C LYS D 166 -24.46 -13.64 35.57
N TYR D 167 -24.61 -12.62 36.39
CA TYR D 167 -25.40 -11.43 35.94
C TYR D 167 -24.63 -10.14 35.84
N LYS D 168 -25.13 -9.21 35.00
CA LYS D 168 -24.44 -7.92 34.82
C LYS D 168 -24.11 -7.28 36.13
N GLY D 169 -22.90 -6.79 36.27
CA GLY D 169 -22.46 -6.11 37.50
C GLY D 169 -21.83 -6.99 38.57
N GLN D 170 -22.07 -8.32 38.51
CA GLN D 170 -21.52 -9.29 39.47
C GLN D 170 -19.98 -9.42 39.26
N GLU D 171 -19.31 -9.59 40.38
CA GLU D 171 -17.83 -9.59 40.46
C GLU D 171 -17.36 -10.77 41.31
N ALA D 172 -16.19 -11.27 41.01
CA ALA D 172 -15.55 -12.38 41.74
C ALA D 172 -14.07 -12.23 41.65
N PHE D 173 -13.32 -12.88 42.52
CA PHE D 173 -11.86 -12.76 42.51
C PHE D 173 -11.28 -14.05 42.05
N VAL D 174 -10.31 -13.90 41.19
CA VAL D 174 -9.59 -15.01 40.62
C VAL D 174 -8.14 -14.92 41.10
N PRO D 175 -7.61 -16.02 41.69
CA PRO D 175 -6.20 -15.99 42.05
C PRO D 175 -5.31 -15.82 40.85
N GLY D 176 -4.19 -15.11 41.04
CA GLY D 176 -3.27 -14.97 39.93
C GLY D 176 -2.79 -16.29 39.33
N PHE D 177 -2.50 -16.25 38.03
CA PHE D 177 -1.82 -17.36 37.37
C PHE D 177 -1.03 -16.80 36.19
N ASN D 178 -0.27 -17.64 35.48
CA ASN D 178 0.57 -17.10 34.46
C ASN D 178 -0.30 -16.92 33.21
N ILE D 179 -0.58 -15.67 32.89
CA ILE D 179 -1.37 -15.40 31.70
C ILE D 179 -0.73 -15.88 30.43
N GLU D 180 0.60 -16.06 30.36
CA GLU D 180 1.19 -16.58 29.14
C GLU D 180 0.72 -18.02 28.85
N GLU D 181 0.20 -18.71 29.86
CA GLU D 181 -0.40 -20.03 29.60
C GLU D 181 -1.63 -19.95 28.71
N LEU D 182 -2.24 -18.81 28.57
CA LEU D 182 -3.39 -18.63 27.61
C LEU D 182 -2.94 -18.42 26.20
N LEU D 183 -1.66 -18.13 25.91
CA LEU D 183 -1.16 -17.93 24.58
C LEU D 183 -0.83 -19.21 23.90
N PRO D 184 -0.89 -19.19 22.59
CA PRO D 184 -0.60 -20.39 21.76
C PRO D 184 0.87 -20.65 21.58
N GLU D 185 1.14 -21.80 20.95
N GLU D 185 1.09 -21.74 20.84
CA GLU D 185 2.50 -22.07 20.52
CA GLU D 185 2.40 -22.06 20.33
C GLU D 185 2.96 -21.09 19.45
C GLU D 185 2.97 -20.99 19.43
N ARG D 186 4.28 -20.81 19.49
CA ARG D 186 4.94 -20.00 18.44
C ARG D 186 4.37 -18.60 18.32
N THR D 187 4.38 -17.96 19.46
CA THR D 187 3.88 -16.58 19.45
C THR D 187 4.63 -15.59 18.58
N ALA D 188 5.85 -15.96 18.10
CA ALA D 188 6.51 -15.04 17.18
C ALA D 188 5.79 -14.97 15.81
N GLU D 189 4.91 -15.93 15.55
CA GLU D 189 4.16 -15.99 14.29
C GLU D 189 2.74 -15.38 14.55
N TYR D 190 2.54 -14.29 13.87
CA TYR D 190 1.28 -13.51 14.06
C TYR D 190 0.95 -12.68 12.91
N TYR D 191 -0.32 -12.24 12.88
CA TYR D 191 -0.86 -11.26 12.03
C TYR D 191 -0.97 -9.90 12.74
N ARG D 192 -0.68 -8.81 12.04
CA ARG D 192 -0.69 -7.46 12.64
C ARG D 192 -1.42 -6.53 11.68
N TYR D 193 -2.37 -5.76 12.22
CA TYR D 193 -2.96 -4.74 11.38
C TYR D 193 -3.55 -3.62 12.26
N ARG D 194 -3.92 -2.56 11.61
CA ARG D 194 -4.51 -1.34 12.31
C ARG D 194 -5.99 -1.40 12.22
N GLY D 195 -6.61 -1.40 13.40
CA GLY D 195 -8.07 -1.47 13.47
C GLY D 195 -8.64 -0.76 14.63
N SER D 196 -9.74 -1.35 15.12
CA SER D 196 -10.62 -0.64 16.05
C SER D 196 -10.99 -1.55 17.24
N LEU D 197 -11.64 -0.96 18.24
N LEU D 197 -11.65 -0.96 18.23
CA LEU D 197 -12.39 -1.80 19.18
CA LEU D 197 -12.42 -1.77 19.18
C LEU D 197 -13.51 -2.50 18.43
C LEU D 197 -13.52 -2.50 18.42
N THR D 198 -13.77 -3.75 18.79
CA THR D 198 -14.88 -4.48 18.14
C THR D 198 -16.22 -4.31 18.80
N THR D 199 -16.25 -3.47 19.82
CA THR D 199 -17.51 -3.11 20.49
C THR D 199 -17.63 -1.63 20.46
N PRO D 200 -18.86 -1.09 20.63
CA PRO D 200 -18.95 0.32 20.86
C PRO D 200 -18.00 0.79 21.95
N PRO D 201 -17.41 1.98 21.83
CA PRO D 201 -17.60 2.94 20.76
C PRO D 201 -16.85 2.71 19.52
N CYS D 202 -16.17 1.56 19.37
CA CYS D 202 -15.56 1.19 18.05
C CYS D 202 -14.38 2.12 17.60
N ASN D 203 -13.72 2.68 18.59
CA ASN D 203 -12.71 3.68 18.21
C ASN D 203 -11.64 3.04 17.43
N PRO D 204 -11.14 3.70 16.37
CA PRO D 204 -10.11 3.07 15.48
C PRO D 204 -8.66 3.32 16.01
N THR D 205 -8.41 2.82 17.20
CA THR D 205 -7.25 3.17 17.99
C THR D 205 -6.47 1.92 18.39
N VAL D 206 -6.80 0.78 17.74
CA VAL D 206 -6.19 -0.47 18.18
C VAL D 206 -5.14 -1.00 17.16
N LEU D 207 -4.00 -1.32 17.73
CA LEU D 207 -3.01 -2.10 16.94
C LEU D 207 -3.28 -3.57 17.36
N TRP D 208 -3.69 -4.30 16.35
CA TRP D 208 -4.08 -5.71 16.58
C TRP D 208 -2.94 -6.65 16.30
N THR D 209 -2.78 -7.63 17.17
CA THR D 209 -1.86 -8.79 16.93
C THR D 209 -2.74 -10.04 17.11
N VAL D 210 -2.92 -10.79 16.04
CA VAL D 210 -3.67 -12.05 16.12
C VAL D 210 -2.65 -13.20 15.98
N PHE D 211 -2.52 -14.07 16.99
CA PHE D 211 -1.51 -15.14 16.85
C PHE D 211 -1.96 -16.05 15.71
N ARG D 212 -0.93 -16.64 15.02
CA ARG D 212 -1.20 -17.56 13.87
C ARG D 212 -1.85 -18.82 14.40
N ASN D 213 -1.42 -19.34 15.52
CA ASN D 213 -1.87 -20.68 15.95
C ASN D 213 -3.00 -20.48 16.98
N PRO D 214 -4.01 -21.30 16.97
CA PRO D 214 -5.05 -21.28 17.99
C PRO D 214 -4.64 -22.07 19.22
N VAL D 215 -5.38 -21.91 20.31
CA VAL D 215 -5.31 -22.82 21.47
C VAL D 215 -6.61 -23.64 21.44
N GLN D 216 -6.68 -24.67 22.25
CA GLN D 216 -7.87 -25.51 22.33
C GLN D 216 -8.50 -25.36 23.72
N ILE D 217 -9.80 -25.37 23.83
CA ILE D 217 -10.51 -25.65 25.11
C ILE D 217 -11.57 -26.74 24.75
N SER D 218 -12.10 -27.43 25.73
CA SER D 218 -13.04 -28.50 25.39
C SER D 218 -14.44 -28.05 25.07
N GLN D 219 -15.18 -28.96 24.46
CA GLN D 219 -16.62 -28.75 24.28
C GLN D 219 -17.30 -28.45 25.60
N GLU D 220 -16.95 -29.11 26.66
CA GLU D 220 -17.62 -28.84 27.94
C GLU D 220 -17.25 -27.43 28.45
N GLN D 221 -15.98 -26.96 28.26
CA GLN D 221 -15.64 -25.58 28.67
C GLN D 221 -16.34 -24.59 27.80
N LEU D 222 -16.48 -24.86 26.49
CA LEU D 222 -17.24 -23.95 25.63
C LEU D 222 -18.70 -23.90 26.05
N LEU D 223 -19.30 -25.04 26.37
CA LEU D 223 -20.72 -25.05 26.70
C LEU D 223 -20.91 -24.28 28.02
N ALA D 224 -19.97 -24.42 28.94
CA ALA D 224 -20.09 -23.65 30.20
C ALA D 224 -20.04 -22.15 29.92
N LEU D 225 -19.08 -21.73 29.08
CA LEU D 225 -18.91 -20.32 28.64
C LEU D 225 -20.21 -19.82 28.02
N GLU D 226 -20.81 -20.63 27.16
CA GLU D 226 -21.96 -20.27 26.37
C GLU D 226 -23.23 -20.28 27.12
N THR D 227 -23.29 -20.87 28.26
CA THR D 227 -24.58 -21.02 29.01
C THR D 227 -24.52 -20.38 30.38
N ALA D 228 -23.40 -19.93 30.87
CA ALA D 228 -23.28 -19.44 32.25
C ALA D 228 -23.84 -18.07 32.46
N LEU D 229 -23.75 -17.22 31.48
CA LEU D 229 -23.88 -15.75 31.69
C LEU D 229 -25.07 -15.11 31.05
N TYR D 230 -25.53 -14.09 31.75
CA TYR D 230 -26.57 -13.20 31.23
C TYR D 230 -26.02 -11.78 30.98
N CYS D 231 -26.63 -11.11 30.02
CA CYS D 231 -26.26 -9.72 29.75
C CYS D 231 -26.95 -8.73 30.70
N THR D 232 -28.01 -9.23 31.34
CA THR D 232 -28.86 -8.39 32.19
C THR D 232 -28.57 -8.59 33.64
N HIS D 233 -29.03 -7.57 34.39
CA HIS D 233 -28.97 -7.60 35.82
C HIS D 233 -29.89 -8.67 36.34
N MET D 234 -29.49 -9.13 37.49
CA MET D 234 -30.20 -10.18 38.20
C MET D 234 -31.72 -9.98 38.32
N ASP D 235 -32.14 -8.72 38.50
CA ASP D 235 -33.57 -8.42 38.67
C ASP D 235 -34.31 -7.97 37.40
N ASP D 236 -33.73 -8.13 36.22
CA ASP D 236 -34.37 -7.68 35.04
C ASP D 236 -35.48 -8.69 34.82
N PRO D 237 -36.70 -8.17 34.63
CA PRO D 237 -37.79 -9.02 34.30
C PRO D 237 -37.71 -9.51 32.84
N SER D 238 -36.71 -9.03 32.06
N SER D 238 -36.74 -8.99 32.04
CA SER D 238 -36.55 -9.46 30.66
CA SER D 238 -36.51 -9.46 30.68
C SER D 238 -35.14 -10.02 30.39
C SER D 238 -35.06 -9.94 30.54
N PRO D 239 -34.79 -11.16 31.01
CA PRO D 239 -33.38 -11.66 30.93
C PRO D 239 -32.94 -11.93 29.53
N ARG D 240 -31.66 -11.67 29.27
CA ARG D 240 -31.12 -11.96 27.94
C ARG D 240 -29.79 -12.75 28.14
N GLU D 241 -29.68 -13.92 27.55
CA GLU D 241 -28.44 -14.76 27.65
C GLU D 241 -27.32 -14.10 26.92
N MET D 242 -26.14 -14.23 27.54
CA MET D 242 -24.93 -13.67 26.88
C MET D 242 -24.31 -14.72 25.90
N ILE D 243 -24.79 -14.66 24.67
CA ILE D 243 -24.42 -15.59 23.61
C ILE D 243 -24.15 -14.74 22.36
N ASN D 244 -23.39 -15.34 21.45
CA ASN D 244 -23.15 -14.72 20.13
C ASN D 244 -22.66 -13.31 20.24
N ASN D 245 -21.74 -13.09 21.16
CA ASN D 245 -21.23 -11.73 21.48
C ASN D 245 -19.96 -11.45 20.68
N PHE D 246 -20.08 -11.65 19.40
CA PHE D 246 -18.99 -11.32 18.43
C PHE D 246 -19.57 -10.46 17.36
N ARG D 247 -18.77 -9.56 16.80
CA ARG D 247 -19.18 -8.71 15.69
C ARG D 247 -18.81 -9.44 14.38
N GLN D 248 -19.63 -9.20 13.32
CA GLN D 248 -19.27 -9.69 11.96
C GLN D 248 -17.99 -9.02 11.48
N VAL D 249 -17.33 -9.73 10.57
CA VAL D 249 -16.13 -9.11 9.96
C VAL D 249 -16.46 -7.90 9.08
N GLN D 250 -15.49 -7.02 8.99
CA GLN D 250 -15.63 -5.65 8.39
C GLN D 250 -14.91 -5.50 7.04
N LYS D 251 -15.37 -4.51 6.28
CA LYS D 251 -14.61 -4.17 5.05
C LYS D 251 -13.13 -3.84 5.37
N PHE D 252 -12.25 -4.22 4.46
CA PHE D 252 -10.85 -3.94 4.63
C PHE D 252 -10.49 -2.41 4.52
N ASP D 253 -11.21 -1.57 3.77
CA ASP D 253 -10.87 -0.12 3.70
C ASP D 253 -9.42 0.09 3.20
N GLU D 254 -9.01 -0.78 2.27
CA GLU D 254 -7.67 -0.74 1.60
C GLU D 254 -6.49 -1.18 2.49
N ARG D 255 -6.74 -1.63 3.73
CA ARG D 255 -5.70 -2.21 4.60
C ARG D 255 -5.15 -3.51 4.09
N LEU D 256 -3.85 -3.76 4.36
CA LEU D 256 -3.30 -5.09 4.28
C LEU D 256 -3.12 -5.57 5.75
N VAL D 257 -2.98 -6.85 5.87
CA VAL D 257 -2.64 -7.50 7.13
C VAL D 257 -1.23 -8.04 6.98
N TYR D 258 -0.37 -7.60 7.89
CA TYR D 258 1.06 -7.93 7.79
C TYR D 258 1.40 -9.10 8.63
N THR D 259 2.24 -10.02 8.13
CA THR D 259 2.46 -11.24 8.88
C THR D 259 3.96 -11.35 9.26
N SER D 260 4.25 -12.01 10.34
CA SER D 260 5.66 -12.24 10.74
C SER D 260 6.13 -13.57 10.17
N PHE D 261 5.36 -14.19 9.32
CA PHE D 261 5.70 -15.53 8.77
C PHE D 261 5.32 -15.48 7.31
N SER D 262 5.89 -16.40 6.47
CA SER D 262 5.43 -16.53 5.08
C SER D 262 4.74 -17.87 4.90
N GLN D 263 5.41 -18.83 5.53
CA GLN D 263 5.04 -20.21 5.85
C GLN D 263 4.02 -21.04 5.01
#